data_5JLA
#
_entry.id   5JLA
#
_cell.length_a   126.480
_cell.length_b   109.960
_cell.length_c   64.990
_cell.angle_alpha   90.000
_cell.angle_beta   93.900
_cell.angle_gamma   90.000
#
_symmetry.space_group_name_H-M   'C 1 2 1'
#
loop_
_entity.id
_entity.type
_entity.pdbx_description
1 polymer 'Putative short-chain dehydrogenase/reductase'
2 non-polymer NICOTINAMIDE-ADENINE-DINUCLEOTIDE
3 water water
#
_entity_poly.entity_id   1
_entity_poly.type   'polypeptide(L)'
_entity_poly.pdbx_seq_one_letter_code
;MAHHHHHHMTASAEFNGAIAVVTGAGSGIGRACAELLSRSGANVIVADRDIEAATRVARATGGKTLVLDVGEDASVTAAA
NEVRARYGVADVLVNCAGVLQRTLPPGELAQREWDVVSRIDLRGTYLCCAAFGAPMADRRRGSIVNIASVAGMRSGPLHA
YGPAKAGVISLTETLAGEWGPKGVRVNCVSPGFTQTPALERGFTTHTLKADVLRDAAALGHIVSANEIAEAVVFLASERA
SAITGVNLPVDAGYLIAGSWAAYGGLRRESAGQD
;
_entity_poly.pdbx_strand_id   A,B,C,D
#
# COMPACT_ATOMS: atom_id res chain seq x y z
N ALA A 11 -26.56 16.10 -17.81
CA ALA A 11 -27.08 14.91 -18.47
C ALA A 11 -26.19 14.48 -19.65
N SER A 12 -26.08 13.17 -19.88
CA SER A 12 -25.31 12.65 -20.99
C SER A 12 -25.99 11.40 -21.53
N ALA A 13 -25.43 10.88 -22.62
CA ALA A 13 -25.88 9.61 -23.20
C ALA A 13 -24.85 8.50 -23.01
N GLU A 14 -23.90 8.71 -22.09
CA GLU A 14 -22.77 7.80 -21.94
C GLU A 14 -23.20 6.37 -21.58
N PHE A 15 -24.34 6.20 -20.93
CA PHE A 15 -24.84 4.89 -20.55
C PHE A 15 -26.16 4.55 -21.24
N ASN A 16 -26.45 5.19 -22.38
CA ASN A 16 -27.67 4.85 -23.10
C ASN A 16 -27.68 3.36 -23.40
N GLY A 17 -28.76 2.69 -23.00
CA GLY A 17 -28.95 1.29 -23.30
C GLY A 17 -28.40 0.34 -22.26
N ALA A 18 -27.67 0.83 -21.26
CA ALA A 18 -27.02 -0.05 -20.30
C ALA A 18 -27.97 -0.39 -19.17
N ILE A 19 -27.92 -1.64 -18.72
CA ILE A 19 -28.65 -2.05 -17.53
C ILE A 19 -27.71 -1.90 -16.34
N ALA A 20 -28.06 -1.03 -15.39
CA ALA A 20 -27.20 -0.75 -14.25
C ALA A 20 -27.94 -1.06 -12.94
N VAL A 21 -27.48 -2.08 -12.23
CA VAL A 21 -28.06 -2.46 -10.94
C VAL A 21 -27.27 -1.75 -9.84
N VAL A 22 -27.96 -0.97 -9.01
CA VAL A 22 -27.34 -0.27 -7.89
C VAL A 22 -27.95 -0.81 -6.61
N THR A 23 -27.17 -1.52 -5.79
CA THR A 23 -27.67 -1.94 -4.48
C THR A 23 -27.53 -0.80 -3.48
N GLY A 24 -28.41 -0.80 -2.48
CA GLY A 24 -28.46 0.30 -1.55
C GLY A 24 -28.91 1.60 -2.18
N ALA A 25 -29.68 1.54 -3.26
CA ALA A 25 -29.97 2.73 -4.03
C ALA A 25 -31.06 3.60 -3.43
N GLY A 26 -31.64 3.21 -2.29
CA GLY A 26 -32.67 4.03 -1.69
C GLY A 26 -32.20 5.26 -0.95
N SER A 27 -30.91 5.39 -0.66
CA SER A 27 -30.44 6.52 0.12
CA SER A 27 -30.42 6.50 0.16
C SER A 27 -28.95 6.72 -0.10
N GLY A 28 -28.47 7.89 0.30
CA GLY A 28 -27.03 8.16 0.36
C GLY A 28 -26.25 7.96 -0.94
N ILE A 29 -25.15 7.22 -0.82
CA ILE A 29 -24.26 7.00 -1.96
C ILE A 29 -24.98 6.25 -3.07
N GLY A 30 -25.74 5.21 -2.72
CA GLY A 30 -26.42 4.44 -3.74
C GLY A 30 -27.43 5.28 -4.49
N ARG A 31 -28.15 6.14 -3.77
CA ARG A 31 -29.10 7.04 -4.42
C ARG A 31 -28.41 7.98 -5.39
N ALA A 32 -27.28 8.57 -4.97
CA ALA A 32 -26.57 9.48 -5.86
C ALA A 32 -26.04 8.76 -7.09
N CYS A 33 -25.61 7.50 -6.92
CA CYS A 33 -25.17 6.71 -8.08
C CYS A 33 -26.33 6.44 -9.01
N ALA A 34 -27.49 6.09 -8.47
CA ALA A 34 -28.64 5.85 -9.33
C ALA A 34 -29.04 7.11 -10.08
N GLU A 35 -29.01 8.26 -9.40
CA GLU A 35 -29.36 9.54 -10.04
C GLU A 35 -28.39 9.88 -11.17
N LEU A 36 -27.09 9.78 -10.89
CA LEU A 36 -26.13 10.14 -11.93
C LEU A 36 -26.14 9.15 -13.08
N LEU A 37 -26.25 7.85 -12.79
CA LEU A 37 -26.35 6.87 -13.87
C LEU A 37 -27.57 7.13 -14.75
N SER A 38 -28.72 7.45 -14.12
CA SER A 38 -29.92 7.75 -14.88
C SER A 38 -29.77 9.00 -15.73
N ARG A 39 -29.14 10.05 -15.19
CA ARG A 39 -28.91 11.27 -15.96
C ARG A 39 -27.92 11.04 -17.08
N SER A 40 -27.13 9.98 -16.99
CA SER A 40 -26.17 9.56 -18.01
C SER A 40 -26.76 8.56 -18.99
N GLY A 41 -28.06 8.28 -18.89
CA GLY A 41 -28.76 7.48 -19.87
C GLY A 41 -29.00 6.04 -19.50
N ALA A 42 -28.47 5.56 -18.38
CA ALA A 42 -28.63 4.15 -18.04
C ALA A 42 -30.07 3.84 -17.67
N ASN A 43 -30.42 2.57 -17.86
CA ASN A 43 -31.65 2.00 -17.31
CA ASN A 43 -31.65 2.01 -17.30
C ASN A 43 -31.28 1.47 -15.93
N VAL A 44 -31.59 2.24 -14.89
CA VAL A 44 -31.15 1.95 -13.54
C VAL A 44 -32.13 1.03 -12.83
N ILE A 45 -31.60 0.00 -12.20
CA ILE A 45 -32.37 -0.90 -11.35
C ILE A 45 -32.05 -0.48 -9.92
N VAL A 46 -33.03 0.11 -9.25
CA VAL A 46 -32.87 0.71 -7.93
C VAL A 46 -33.16 -0.37 -6.90
N ALA A 47 -32.11 -0.97 -6.35
CA ALA A 47 -32.26 -2.16 -5.52
C ALA A 47 -32.00 -1.80 -4.06
N ASP A 48 -32.91 -2.22 -3.17
CA ASP A 48 -32.76 -1.86 -1.77
C ASP A 48 -33.62 -2.79 -0.93
N ARG A 49 -33.21 -2.93 0.34
CA ARG A 49 -34.06 -3.61 1.32
CA ARG A 49 -34.03 -3.60 1.36
C ARG A 49 -35.28 -2.78 1.68
N ASP A 50 -35.19 -1.46 1.57
CA ASP A 50 -36.25 -0.51 1.94
C ASP A 50 -37.03 -0.20 0.68
N ILE A 51 -38.20 -0.83 0.55
CA ILE A 51 -38.95 -0.73 -0.69
CA ILE A 51 -38.98 -0.75 -0.68
C ILE A 51 -39.55 0.65 -0.87
N GLU A 52 -39.94 1.32 0.21
CA GLU A 52 -40.46 2.67 0.08
C GLU A 52 -39.38 3.63 -0.41
N ALA A 53 -38.16 3.47 0.09
CA ALA A 53 -37.07 4.33 -0.33
C ALA A 53 -36.67 4.06 -1.77
N ALA A 54 -36.59 2.78 -2.15
CA ALA A 54 -36.28 2.44 -3.53
C ALA A 54 -37.29 3.05 -4.49
N THR A 55 -38.57 3.01 -4.11
CA THR A 55 -39.63 3.53 -5.00
C THR A 55 -39.54 5.04 -5.16
N ARG A 56 -39.25 5.77 -4.07
CA ARG A 56 -39.03 7.21 -4.19
C ARG A 56 -37.91 7.51 -5.17
N VAL A 57 -36.79 6.79 -5.05
CA VAL A 57 -35.67 7.05 -5.94
C VAL A 57 -35.99 6.64 -7.37
N ALA A 58 -36.67 5.50 -7.54
CA ALA A 58 -37.02 5.06 -8.90
C ALA A 58 -37.97 6.03 -9.59
N ARG A 59 -38.96 6.56 -8.86
CA ARG A 59 -39.86 7.54 -9.47
C ARG A 59 -39.08 8.77 -9.92
N ALA A 60 -38.12 9.22 -9.13
CA ALA A 60 -37.37 10.43 -9.48
C ALA A 60 -36.44 10.19 -10.66
N THR A 61 -35.94 8.96 -10.83
CA THR A 61 -34.91 8.68 -11.82
C THR A 61 -35.46 7.99 -13.07
N GLY A 62 -36.71 7.58 -13.07
CA GLY A 62 -37.20 6.75 -14.14
C GLY A 62 -36.69 5.33 -14.11
N GLY A 63 -35.99 4.95 -13.03
CA GLY A 63 -35.52 3.60 -12.86
C GLY A 63 -36.63 2.66 -12.41
N LYS A 64 -36.24 1.43 -12.11
CA LYS A 64 -37.18 0.40 -11.70
C LYS A 64 -36.73 -0.16 -10.36
N THR A 65 -37.68 -0.41 -9.47
CA THR A 65 -37.29 -0.92 -8.16
C THR A 65 -36.99 -2.42 -8.21
N LEU A 66 -36.13 -2.85 -7.29
CA LEU A 66 -35.81 -4.26 -7.08
C LEU A 66 -35.65 -4.48 -5.59
N VAL A 67 -36.49 -5.35 -5.02
CA VAL A 67 -36.36 -5.65 -3.60
C VAL A 67 -35.17 -6.58 -3.41
N LEU A 68 -34.23 -6.16 -2.56
CA LEU A 68 -32.96 -6.88 -2.39
C LEU A 68 -32.49 -6.71 -0.96
N ASP A 69 -32.33 -7.81 -0.23
CA ASP A 69 -31.68 -7.82 1.08
C ASP A 69 -30.38 -8.60 0.92
N VAL A 70 -29.24 -7.88 0.92
CA VAL A 70 -27.95 -8.50 0.65
C VAL A 70 -27.47 -9.40 1.77
N GLY A 71 -28.20 -9.43 2.89
CA GLY A 71 -27.90 -10.37 3.94
C GLY A 71 -28.60 -11.71 3.84
N GLU A 72 -29.45 -11.90 2.83
CA GLU A 72 -30.24 -13.12 2.69
C GLU A 72 -29.95 -13.72 1.32
N ASP A 73 -29.28 -14.87 1.29
CA ASP A 73 -28.91 -15.50 0.02
C ASP A 73 -30.10 -15.65 -0.92
N ALA A 74 -31.25 -16.10 -0.39
CA ALA A 74 -32.42 -16.32 -1.24
C ALA A 74 -32.90 -15.02 -1.86
N SER A 75 -32.78 -13.91 -1.13
CA SER A 75 -33.19 -12.61 -1.68
C SER A 75 -32.28 -12.21 -2.85
N VAL A 76 -30.98 -12.38 -2.69
CA VAL A 76 -30.05 -11.99 -3.76
C VAL A 76 -30.30 -12.85 -4.99
N THR A 77 -30.43 -14.16 -4.79
CA THR A 77 -30.68 -15.08 -5.91
C THR A 77 -31.95 -14.70 -6.65
N ALA A 78 -33.04 -14.45 -5.92
CA ALA A 78 -34.29 -14.06 -6.56
C ALA A 78 -34.16 -12.75 -7.31
N ALA A 79 -33.46 -11.77 -6.72
CA ALA A 79 -33.29 -10.48 -7.40
C ALA A 79 -32.50 -10.63 -8.68
N ALA A 80 -31.44 -11.42 -8.65
CA ALA A 80 -30.65 -11.64 -9.84
C ALA A 80 -31.48 -12.35 -10.91
N ASN A 81 -32.34 -13.29 -10.50
CA ASN A 81 -33.19 -13.99 -11.45
C ASN A 81 -34.23 -13.07 -12.05
N GLU A 82 -34.80 -12.18 -11.24
CA GLU A 82 -35.76 -11.21 -11.77
C GLU A 82 -35.10 -10.32 -12.80
N VAL A 83 -33.90 -9.81 -12.49
CA VAL A 83 -33.24 -8.91 -13.42
C VAL A 83 -32.97 -9.61 -14.74
N ARG A 84 -32.49 -10.85 -14.68
CA ARG A 84 -32.12 -11.56 -15.90
C ARG A 84 -33.33 -11.82 -16.78
N ALA A 85 -34.46 -12.15 -16.17
CA ALA A 85 -35.68 -12.45 -16.93
C ALA A 85 -36.36 -11.18 -17.42
N ARG A 86 -36.41 -10.14 -16.60
CA ARG A 86 -37.20 -8.97 -16.99
C ARG A 86 -36.42 -7.99 -17.85
N TYR A 87 -35.11 -7.87 -17.64
CA TYR A 87 -34.27 -6.90 -18.36
C TYR A 87 -33.17 -7.53 -19.17
N GLY A 88 -32.38 -8.44 -18.60
CA GLY A 88 -31.25 -9.05 -19.25
C GLY A 88 -30.06 -9.03 -18.33
N VAL A 89 -28.92 -9.46 -18.86
CA VAL A 89 -27.66 -9.43 -18.11
C VAL A 89 -27.27 -8.00 -17.83
N ALA A 90 -26.93 -7.73 -16.58
CA ALA A 90 -26.52 -6.38 -16.20
C ALA A 90 -25.24 -5.97 -16.92
N ASP A 91 -25.19 -4.70 -17.33
CA ASP A 91 -23.96 -4.13 -17.84
C ASP A 91 -23.10 -3.54 -16.73
N VAL A 92 -23.72 -3.04 -15.67
CA VAL A 92 -23.05 -2.38 -14.56
C VAL A 92 -23.67 -2.87 -13.26
N LEU A 93 -22.83 -3.15 -12.26
CA LEU A 93 -23.29 -3.44 -10.91
C LEU A 93 -22.52 -2.53 -9.96
N VAL A 94 -23.23 -1.79 -9.11
CA VAL A 94 -22.63 -0.95 -8.08
C VAL A 94 -23.12 -1.44 -6.73
N ASN A 95 -22.20 -1.85 -5.86
CA ASN A 95 -22.54 -2.42 -4.56
C ASN A 95 -22.45 -1.35 -3.47
N CYS A 96 -23.55 -0.66 -3.22
CA CYS A 96 -23.60 0.39 -2.19
C CYS A 96 -24.32 0.00 -0.90
N ALA A 97 -25.10 -1.09 -0.89
CA ALA A 97 -25.78 -1.49 0.35
C ALA A 97 -24.77 -1.72 1.46
N GLY A 98 -25.07 -1.19 2.63
CA GLY A 98 -24.13 -1.35 3.73
C GLY A 98 -24.71 -0.75 5.00
N VAL A 99 -24.07 -1.12 6.12
CA VAL A 99 -24.43 -0.63 7.44
C VAL A 99 -23.15 -0.24 8.17
N LEU A 100 -23.30 0.65 9.16
CA LEU A 100 -22.20 1.08 10.00
C LEU A 100 -22.26 0.31 11.31
N GLN A 101 -21.36 0.64 12.24
CA GLN A 101 -21.34 0.03 13.56
C GLN A 101 -21.08 1.10 14.60
N ARG A 102 -21.45 0.80 15.85
CA ARG A 102 -21.03 1.61 16.99
C ARG A 102 -19.53 1.47 17.16
N THR A 103 -18.86 2.57 17.53
CA THR A 103 -17.38 2.62 17.53
C THR A 103 -16.74 2.12 18.83
N LEU A 104 -17.12 0.90 19.26
CA LEU A 104 -16.81 0.36 20.58
C LEU A 104 -15.62 -0.59 20.53
N PRO A 105 -14.81 -0.61 21.59
CA PRO A 105 -13.63 -1.50 21.63
C PRO A 105 -14.07 -2.96 21.76
N PRO A 106 -13.15 -3.91 21.53
CA PRO A 106 -13.53 -5.33 21.67
C PRO A 106 -13.96 -5.64 23.10
N GLY A 107 -15.01 -6.44 23.20
CA GLY A 107 -15.57 -6.71 24.51
C GLY A 107 -16.79 -5.85 24.78
N GLU A 108 -16.67 -4.55 24.49
CA GLU A 108 -17.85 -3.68 24.56
C GLU A 108 -18.72 -3.86 23.33
N LEU A 109 -18.12 -3.99 22.14
CA LEU A 109 -18.88 -4.27 20.93
C LEU A 109 -19.47 -5.68 21.03
N ALA A 110 -20.77 -5.80 20.82
CA ALA A 110 -21.41 -7.11 20.88
C ALA A 110 -21.00 -7.92 19.66
N GLN A 111 -20.69 -9.20 19.86
CA GLN A 111 -20.32 -10.03 18.72
C GLN A 111 -21.40 -10.03 17.66
N ARG A 112 -22.67 -9.93 18.07
CA ARG A 112 -23.76 -9.86 17.11
C ARG A 112 -23.60 -8.66 16.18
N GLU A 113 -23.19 -7.51 16.74
CA GLU A 113 -22.96 -6.31 15.93
C GLU A 113 -21.80 -6.50 14.97
N TRP A 114 -20.71 -7.09 15.44
CA TRP A 114 -19.60 -7.42 14.55
C TRP A 114 -20.09 -8.29 13.40
N ASP A 115 -20.86 -9.34 13.71
CA ASP A 115 -21.35 -10.26 12.69
C ASP A 115 -22.22 -9.57 11.64
N VAL A 116 -23.13 -8.69 12.06
CA VAL A 116 -24.04 -8.04 11.11
C VAL A 116 -23.24 -7.22 10.10
N VAL A 117 -22.26 -6.45 10.57
CA VAL A 117 -21.45 -5.62 9.68
C VAL A 117 -20.72 -6.47 8.65
N SER A 118 -20.06 -7.54 9.09
CA SER A 118 -19.37 -8.42 8.15
C SER A 118 -20.37 -9.04 7.17
N ARG A 119 -21.54 -9.48 7.67
CA ARG A 119 -22.51 -10.13 6.79
C ARG A 119 -23.00 -9.20 5.70
N ILE A 120 -23.32 -7.95 6.05
CA ILE A 120 -23.91 -7.07 5.04
C ILE A 120 -22.82 -6.48 4.14
N ASP A 121 -21.76 -5.95 4.75
CA ASP A 121 -20.82 -5.12 4.01
C ASP A 121 -19.83 -5.92 3.18
N LEU A 122 -19.33 -7.05 3.69
CA LEU A 122 -18.46 -7.89 2.87
C LEU A 122 -19.23 -9.02 2.20
N ARG A 123 -19.86 -9.90 2.98
CA ARG A 123 -20.55 -11.06 2.40
C ARG A 123 -21.64 -10.65 1.42
N GLY A 124 -22.40 -9.59 1.74
CA GLY A 124 -23.46 -9.15 0.85
C GLY A 124 -22.93 -8.62 -0.46
N THR A 125 -21.80 -7.91 -0.45
CA THR A 125 -21.16 -7.54 -1.70
C THR A 125 -20.68 -8.77 -2.48
N TYR A 126 -20.14 -9.79 -1.78
CA TYR A 126 -19.76 -11.02 -2.49
C TYR A 126 -21.00 -11.70 -3.09
N LEU A 127 -22.08 -11.80 -2.33
CA LEU A 127 -23.28 -12.42 -2.86
C LEU A 127 -23.72 -11.75 -4.15
N CYS A 128 -23.69 -10.41 -4.20
CA CYS A 128 -24.18 -9.72 -5.39
C CYS A 128 -23.19 -9.82 -6.53
N CYS A 129 -21.88 -9.77 -6.24
CA CYS A 129 -20.90 -9.98 -7.31
C CYS A 129 -21.06 -11.35 -7.94
N ALA A 130 -21.28 -12.38 -7.13
CA ALA A 130 -21.46 -13.71 -7.68
C ALA A 130 -22.75 -13.83 -8.48
N ALA A 131 -23.85 -13.30 -7.94
CA ALA A 131 -25.15 -13.50 -8.58
C ALA A 131 -25.33 -12.65 -9.84
N PHE A 132 -24.93 -11.37 -9.78
CA PHE A 132 -25.07 -10.49 -10.92
C PHE A 132 -23.85 -10.50 -11.83
N GLY A 133 -22.67 -10.75 -11.26
CA GLY A 133 -21.43 -10.67 -12.01
C GLY A 133 -21.00 -11.94 -12.73
N ALA A 134 -21.26 -13.11 -12.17
CA ALA A 134 -20.97 -14.31 -12.95
C ALA A 134 -21.66 -14.30 -14.31
N PRO A 135 -22.93 -13.88 -14.43
CA PRO A 135 -23.51 -13.79 -15.78
C PRO A 135 -22.82 -12.77 -16.65
N MET A 136 -22.24 -11.71 -16.07
CA MET A 136 -21.46 -10.79 -16.89
C MET A 136 -20.22 -11.47 -17.45
N ALA A 137 -19.49 -12.21 -16.61
CA ALA A 137 -18.33 -12.94 -17.10
C ALA A 137 -18.71 -13.94 -18.19
N ASP A 138 -19.86 -14.61 -18.04
CA ASP A 138 -20.28 -15.53 -19.08
C ASP A 138 -20.59 -14.79 -20.37
N ARG A 139 -21.16 -13.59 -20.26
CA ARG A 139 -21.50 -12.79 -21.43
C ARG A 139 -20.28 -12.07 -22.00
N ARG A 140 -19.17 -12.06 -21.26
CA ARG A 140 -17.90 -11.49 -21.69
C ARG A 140 -17.89 -9.95 -21.72
N ARG A 141 -18.70 -9.31 -20.88
CA ARG A 141 -18.63 -7.86 -20.75
C ARG A 141 -19.33 -7.44 -19.47
N GLY A 142 -18.83 -6.37 -18.87
CA GLY A 142 -19.47 -5.78 -17.71
C GLY A 142 -18.49 -4.93 -16.94
N SER A 143 -19.04 -4.13 -16.03
CA SER A 143 -18.22 -3.31 -15.14
C SER A 143 -18.88 -3.32 -13.77
N ILE A 144 -18.09 -3.64 -12.76
CA ILE A 144 -18.57 -3.75 -11.37
C ILE A 144 -17.80 -2.74 -10.53
N VAL A 145 -18.52 -1.93 -9.76
CA VAL A 145 -17.88 -1.02 -8.81
C VAL A 145 -18.38 -1.33 -7.42
N ASN A 146 -17.47 -1.67 -6.52
CA ASN A 146 -17.79 -1.88 -5.13
C ASN A 146 -17.53 -0.61 -4.34
N ILE A 147 -18.18 -0.50 -3.17
CA ILE A 147 -17.97 0.64 -2.28
C ILE A 147 -17.24 0.12 -1.07
N ALA A 148 -15.99 0.55 -0.90
CA ALA A 148 -15.23 0.23 0.30
C ALA A 148 -15.30 1.43 1.26
N SER A 149 -14.18 1.94 1.77
CA SER A 149 -14.11 3.06 2.69
C SER A 149 -12.65 3.32 3.02
N VAL A 150 -12.29 4.57 3.32
CA VAL A 150 -10.99 4.83 3.90
C VAL A 150 -10.80 4.06 5.18
N ALA A 151 -11.89 3.69 5.86
CA ALA A 151 -11.75 2.91 7.09
C ALA A 151 -11.20 1.52 6.82
N GLY A 152 -11.31 1.04 5.58
CA GLY A 152 -10.69 -0.20 5.19
C GLY A 152 -9.22 -0.09 4.84
N MET A 153 -8.64 1.11 5.01
CA MET A 153 -7.30 1.42 4.55
C MET A 153 -6.36 1.86 5.66
N ARG A 154 -6.90 2.26 6.80
CA ARG A 154 -6.11 2.78 7.91
C ARG A 154 -6.77 2.36 9.21
N SER A 155 -6.03 2.52 10.31
CA SER A 155 -6.54 2.22 11.64
C SER A 155 -7.70 3.12 12.03
N GLY A 156 -8.54 2.62 12.92
CA GLY A 156 -9.65 3.37 13.47
C GLY A 156 -10.41 2.48 14.43
N PRO A 157 -11.40 3.03 15.11
CA PRO A 157 -12.11 2.26 16.15
C PRO A 157 -13.24 1.42 15.58
N LEU A 158 -13.08 0.81 14.42
CA LEU A 158 -14.16 0.07 13.75
CA LEU A 158 -14.15 0.08 13.73
C LEU A 158 -13.64 -1.33 13.44
N HIS A 159 -13.68 -2.20 14.45
CA HIS A 159 -13.05 -3.51 14.35
C HIS A 159 -13.88 -4.52 13.56
N ALA A 160 -15.11 -4.19 13.18
CA ALA A 160 -15.83 -4.95 12.17
C ALA A 160 -15.82 -4.24 10.82
N TYR A 161 -16.12 -2.94 10.81
CA TYR A 161 -16.30 -2.21 9.57
C TYR A 161 -14.98 -2.07 8.82
N GLY A 162 -13.90 -1.77 9.53
CA GLY A 162 -12.60 -1.67 8.91
C GLY A 162 -12.24 -2.95 8.18
N PRO A 163 -12.20 -4.07 8.90
CA PRO A 163 -11.88 -5.35 8.24
C PRO A 163 -12.81 -5.71 7.10
N ALA A 164 -14.11 -5.44 7.24
CA ALA A 164 -15.04 -5.76 6.15
C ALA A 164 -14.71 -4.94 4.91
N LYS A 165 -14.44 -3.64 5.10
CA LYS A 165 -14.15 -2.79 3.96
C LYS A 165 -12.79 -3.10 3.36
N ALA A 166 -11.81 -3.51 4.18
CA ALA A 166 -10.56 -4.04 3.64
C ALA A 166 -10.82 -5.30 2.82
N GLY A 167 -11.77 -6.13 3.27
CA GLY A 167 -12.17 -7.29 2.50
C GLY A 167 -12.76 -6.91 1.15
N VAL A 168 -13.49 -5.81 1.09
CA VAL A 168 -14.07 -5.36 -0.18
C VAL A 168 -12.96 -4.94 -1.13
N ILE A 169 -11.94 -4.23 -0.62
CA ILE A 169 -10.83 -3.85 -1.46
C ILE A 169 -10.14 -5.10 -2.03
N SER A 170 -9.91 -6.11 -1.19
CA SER A 170 -9.30 -7.36 -1.65
C SER A 170 -10.17 -8.09 -2.68
N LEU A 171 -11.46 -8.23 -2.38
CA LEU A 171 -12.36 -8.94 -3.28
C LEU A 171 -12.41 -8.25 -4.64
N THR A 172 -12.30 -6.92 -4.67
CA THR A 172 -12.24 -6.20 -5.93
C THR A 172 -11.03 -6.65 -6.74
N GLU A 173 -9.89 -6.80 -6.07
CA GLU A 173 -8.69 -7.31 -6.72
C GLU A 173 -8.83 -8.76 -7.18
N THR A 174 -9.37 -9.65 -6.32
CA THR A 174 -9.44 -11.06 -6.70
C THR A 174 -10.38 -11.24 -7.89
N LEU A 175 -11.55 -10.61 -7.82
CA LEU A 175 -12.49 -10.65 -8.96
C LEU A 175 -11.90 -10.03 -10.21
N ALA A 176 -11.19 -8.92 -10.08
CA ALA A 176 -10.62 -8.34 -11.29
C ALA A 176 -9.70 -9.32 -11.99
N GLY A 177 -8.96 -10.12 -11.21
CA GLY A 177 -8.12 -11.13 -11.83
C GLY A 177 -8.91 -12.30 -12.39
N GLU A 178 -9.95 -12.72 -11.69
CA GLU A 178 -10.70 -13.87 -12.17
C GLU A 178 -11.40 -13.54 -13.49
N TRP A 179 -11.94 -12.34 -13.62
CA TRP A 179 -12.87 -11.99 -14.68
C TRP A 179 -12.26 -11.05 -15.71
N GLY A 180 -11.06 -10.53 -15.45
CA GLY A 180 -10.33 -9.75 -16.43
C GLY A 180 -10.24 -10.45 -17.79
N PRO A 181 -9.78 -11.71 -17.80
CA PRO A 181 -9.74 -12.44 -19.09
C PRO A 181 -11.10 -12.68 -19.72
N LYS A 182 -12.19 -12.50 -18.98
CA LYS A 182 -13.53 -12.60 -19.55
C LYS A 182 -14.11 -11.23 -19.87
N GLY A 183 -13.33 -10.17 -19.72
CA GLY A 183 -13.75 -8.86 -20.19
C GLY A 183 -14.56 -8.04 -19.23
N VAL A 184 -14.56 -8.41 -17.95
CA VAL A 184 -15.30 -7.68 -16.92
C VAL A 184 -14.31 -6.92 -16.04
N ARG A 185 -14.53 -5.63 -15.90
CA ARG A 185 -13.68 -4.79 -15.07
C ARG A 185 -14.33 -4.71 -13.69
N VAL A 186 -13.50 -4.76 -12.65
CA VAL A 186 -13.96 -4.70 -11.28
C VAL A 186 -13.08 -3.68 -10.56
N ASN A 187 -13.71 -2.64 -10.01
CA ASN A 187 -12.99 -1.59 -9.29
C ASN A 187 -13.75 -1.24 -8.02
N CYS A 188 -13.16 -0.38 -7.20
CA CYS A 188 -13.72 -0.01 -5.91
CA CYS A 188 -13.85 0.03 -6.00
C CYS A 188 -13.52 1.48 -5.68
N VAL A 189 -14.49 2.14 -5.04
CA VAL A 189 -14.33 3.52 -4.54
C VAL A 189 -14.31 3.46 -3.02
N SER A 190 -13.38 4.18 -2.41
CA SER A 190 -13.31 4.22 -0.95
C SER A 190 -13.71 5.62 -0.49
N PRO A 191 -14.96 5.84 -0.11
CA PRO A 191 -15.35 7.16 0.38
C PRO A 191 -14.63 7.51 1.68
N GLY A 192 -14.33 8.80 1.83
CA GLY A 192 -14.11 9.37 3.15
C GLY A 192 -15.45 9.60 3.82
N PHE A 193 -15.49 10.54 4.75
CA PHE A 193 -16.75 10.92 5.40
C PHE A 193 -17.63 11.65 4.40
N THR A 194 -18.78 11.05 4.11
CA THR A 194 -19.66 11.49 3.03
C THR A 194 -21.02 11.85 3.61
N GLN A 195 -21.54 13.01 3.20
CA GLN A 195 -22.81 13.55 3.71
C GLN A 195 -23.95 12.68 3.21
N THR A 196 -24.50 11.86 4.10
CA THR A 196 -25.61 10.97 3.82
C THR A 196 -26.46 10.90 5.07
N PRO A 197 -27.68 10.36 5.01
CA PRO A 197 -28.46 10.19 6.24
C PRO A 197 -27.77 9.33 7.30
N ALA A 198 -26.90 8.40 6.88
CA ALA A 198 -26.15 7.61 7.85
C ALA A 198 -25.14 8.48 8.61
N LEU A 199 -24.45 9.38 7.89
CA LEU A 199 -23.54 10.31 8.57
C LEU A 199 -24.31 11.30 9.44
N GLU A 200 -25.51 11.70 9.01
CA GLU A 200 -26.34 12.56 9.84
C GLU A 200 -26.75 11.86 11.12
N ARG A 201 -26.99 10.55 11.07
CA ARG A 201 -27.26 9.80 12.30
C ARG A 201 -26.03 9.77 13.20
N GLY A 202 -24.84 9.85 12.63
CA GLY A 202 -23.63 9.91 13.45
C GLY A 202 -23.49 11.24 14.16
N PHE A 203 -23.90 12.34 13.52
CA PHE A 203 -23.89 13.63 14.19
C PHE A 203 -24.93 13.70 15.30
N THR A 204 -26.00 12.93 15.18
CA THR A 204 -27.06 12.89 16.19
C THR A 204 -26.88 11.67 17.07
N THR A 207 -21.80 10.71 17.98
CA THR A 207 -20.81 9.73 17.56
C THR A 207 -19.72 10.42 16.73
N LEU A 208 -20.13 11.39 15.93
CA LEU A 208 -19.21 12.15 15.09
C LEU A 208 -19.55 13.63 15.21
N LYS A 209 -18.58 14.48 14.88
CA LYS A 209 -18.74 15.93 14.90
C LYS A 209 -18.27 16.50 13.57
N ALA A 210 -19.13 17.32 12.94
CA ALA A 210 -18.88 17.73 11.57
C ALA A 210 -17.60 18.55 11.44
N ASP A 211 -17.33 19.44 12.41
CA ASP A 211 -16.11 20.22 12.35
C ASP A 211 -14.88 19.34 12.46
N VAL A 212 -14.96 18.29 13.28
CA VAL A 212 -13.84 17.37 13.43
C VAL A 212 -13.57 16.64 12.11
N LEU A 213 -14.62 16.25 11.38
CA LEU A 213 -14.41 15.57 10.09
C LEU A 213 -13.79 16.50 9.08
N ARG A 214 -14.23 17.76 9.01
CA ARG A 214 -13.63 18.71 8.08
CA ARG A 214 -13.63 18.71 8.08
C ARG A 214 -12.16 18.92 8.42
N ASP A 215 -11.86 19.10 9.71
CA ASP A 215 -10.47 19.31 10.12
C ASP A 215 -9.59 18.12 9.78
N ALA A 216 -10.16 16.92 9.69
CA ALA A 216 -9.38 15.70 9.43
C ALA A 216 -9.10 15.47 7.95
N ALA A 217 -9.53 16.38 7.07
CA ALA A 217 -9.34 16.25 5.64
C ALA A 217 -8.50 17.41 5.14
N ALA A 218 -7.57 17.12 4.22
CA ALA A 218 -6.70 18.17 3.70
C ALA A 218 -7.47 19.30 2.99
N LEU A 219 -8.58 18.98 2.31
CA LEU A 219 -9.39 20.03 1.68
C LEU A 219 -10.36 20.69 2.63
N GLY A 220 -10.48 20.22 3.86
CA GLY A 220 -11.39 20.87 4.80
C GLY A 220 -12.86 20.72 4.49
N HIS A 221 -13.24 19.62 3.83
CA HIS A 221 -14.61 19.39 3.39
C HIS A 221 -15.07 18.01 3.83
N ILE A 222 -16.37 17.87 3.99
CA ILE A 222 -17.03 16.58 4.00
C ILE A 222 -17.45 16.26 2.57
N VAL A 223 -17.21 15.03 2.14
CA VAL A 223 -17.52 14.61 0.77
C VAL A 223 -19.04 14.51 0.58
N SER A 224 -19.51 14.96 -0.57
CA SER A 224 -20.92 14.79 -0.87
C SER A 224 -21.18 13.45 -1.57
N ALA A 225 -22.41 12.95 -1.42
CA ALA A 225 -22.79 11.72 -2.09
C ALA A 225 -22.60 11.84 -3.61
N ASN A 226 -22.89 13.02 -4.16
CA ASN A 226 -22.72 13.23 -5.59
C ASN A 226 -21.25 13.12 -6.00
N GLU A 227 -20.32 13.57 -5.14
CA GLU A 227 -18.90 13.45 -5.46
C GLU A 227 -18.47 11.99 -5.51
N ILE A 228 -18.99 11.17 -4.58
CA ILE A 228 -18.73 9.73 -4.66
C ILE A 228 -19.28 9.17 -5.96
N ALA A 229 -20.50 9.57 -6.33
CA ALA A 229 -21.12 9.01 -7.52
C ALA A 229 -20.33 9.35 -8.79
N GLU A 230 -19.72 10.55 -8.86
CA GLU A 230 -18.95 10.88 -10.05
C GLU A 230 -17.79 9.90 -10.24
N ALA A 231 -17.15 9.49 -9.13
CA ALA A 231 -16.07 8.53 -9.23
C ALA A 231 -16.57 7.13 -9.60
N VAL A 232 -17.68 6.70 -8.99
CA VAL A 232 -18.28 5.41 -9.36
C VAL A 232 -18.62 5.38 -10.84
N VAL A 233 -19.24 6.45 -11.33
CA VAL A 233 -19.69 6.47 -12.72
C VAL A 233 -18.51 6.52 -13.67
N PHE A 234 -17.47 7.30 -13.33
CA PHE A 234 -16.23 7.26 -14.10
C PHE A 234 -15.72 5.83 -14.25
N LEU A 235 -15.59 5.12 -13.12
CA LEU A 235 -15.03 3.75 -13.18
C LEU A 235 -15.94 2.79 -13.90
N ALA A 236 -17.26 3.00 -13.81
CA ALA A 236 -18.21 2.13 -14.49
C ALA A 236 -18.25 2.37 -15.99
N SER A 237 -17.73 3.49 -16.47
CA SER A 237 -17.91 3.91 -17.84
C SER A 237 -16.71 3.52 -18.70
N GLU A 238 -16.89 3.70 -20.02
CA GLU A 238 -15.79 3.53 -20.96
C GLU A 238 -14.67 4.56 -20.81
N ARG A 239 -14.86 5.65 -20.05
CA ARG A 239 -13.75 6.53 -19.76
C ARG A 239 -12.70 5.79 -18.95
N ALA A 240 -13.09 4.66 -18.33
CA ALA A 240 -12.21 3.84 -17.52
C ALA A 240 -11.94 2.45 -18.14
N SER A 241 -11.96 2.36 -19.46
CA SER A 241 -11.87 1.09 -20.19
C SER A 241 -10.60 0.30 -19.91
N ALA A 242 -9.52 0.95 -19.45
CA ALA A 242 -8.29 0.26 -19.13
C ALA A 242 -8.04 0.13 -17.64
N ILE A 243 -9.05 0.46 -16.81
CA ILE A 243 -8.89 0.49 -15.36
C ILE A 243 -9.59 -0.73 -14.76
N THR A 244 -8.82 -1.57 -14.09
CA THR A 244 -9.41 -2.69 -13.36
C THR A 244 -8.57 -3.00 -12.13
N GLY A 245 -9.24 -3.50 -11.09
CA GLY A 245 -8.54 -3.90 -9.89
C GLY A 245 -8.05 -2.75 -9.04
N VAL A 246 -8.60 -1.55 -9.21
CA VAL A 246 -8.11 -0.40 -8.48
C VAL A 246 -9.08 0.00 -7.40
N ASN A 247 -8.54 0.66 -6.37
CA ASN A 247 -9.29 1.29 -5.31
C ASN A 247 -9.05 2.80 -5.39
N LEU A 248 -10.12 3.56 -5.64
CA LEU A 248 -10.06 5.02 -5.80
C LEU A 248 -10.62 5.72 -4.58
N PRO A 249 -9.78 6.34 -3.74
CA PRO A 249 -10.30 7.04 -2.56
C PRO A 249 -10.90 8.37 -2.97
N VAL A 250 -12.08 8.68 -2.44
CA VAL A 250 -12.74 9.95 -2.69
C VAL A 250 -13.05 10.50 -1.30
N ASP A 251 -12.13 11.26 -0.75
CA ASP A 251 -12.11 11.46 0.70
C ASP A 251 -11.73 12.87 1.12
N ALA A 252 -11.66 13.82 0.20
CA ALA A 252 -11.28 15.20 0.51
C ALA A 252 -9.89 15.30 1.15
N GLY A 253 -9.05 14.26 0.98
CA GLY A 253 -7.73 14.29 1.59
C GLY A 253 -7.67 13.84 3.04
N TYR A 254 -8.66 13.08 3.52
CA TYR A 254 -8.55 12.45 4.83
C TYR A 254 -7.28 11.60 4.95
N LEU A 255 -7.00 10.75 3.95
CA LEU A 255 -5.82 9.88 4.04
C LEU A 255 -4.51 10.67 4.10
N ILE A 256 -4.52 11.90 3.58
CA ILE A 256 -3.33 12.76 3.50
C ILE A 256 -3.08 13.48 4.82
N ALA A 257 -4.14 13.87 5.53
CA ALA A 257 -4.01 14.88 6.59
C ALA A 257 -3.48 14.31 7.90
N GLY A 258 -3.75 13.03 8.19
CA GLY A 258 -3.45 12.51 9.53
C GLY A 258 -1.98 12.57 9.88
N SER A 259 -1.10 12.40 8.89
CA SER A 259 0.33 12.35 9.14
C SER A 259 0.96 13.70 9.39
N TRP A 260 0.19 14.78 9.26
CA TRP A 260 0.71 16.13 9.50
C TRP A 260 0.77 16.50 10.97
N ALA A 261 0.05 15.81 11.85
CA ALA A 261 -0.03 16.21 13.25
C ALA A 261 1.35 16.30 13.90
N ALA A 262 2.25 15.41 13.52
CA ALA A 262 3.59 15.39 14.12
C ALA A 262 4.39 16.64 13.78
N TYR A 263 4.04 17.32 12.69
CA TYR A 263 4.70 18.53 12.22
C TYR A 263 3.90 19.78 12.57
N GLY A 264 2.96 19.66 13.50
CA GLY A 264 2.13 20.80 13.87
C GLY A 264 0.80 20.88 13.15
N GLY A 265 0.46 19.89 12.33
CA GLY A 265 -0.84 19.85 11.67
C GLY A 265 -0.85 20.53 10.31
N LEU A 266 -2.02 20.46 9.68
CA LEU A 266 -2.21 21.10 8.40
C LEU A 266 -1.94 22.60 8.53
N ARG A 267 -1.40 23.18 7.46
CA ARG A 267 -1.08 24.61 7.48
C ARG A 267 -2.27 25.39 6.92
N ARG A 268 -3.17 25.80 7.81
CA ARG A 268 -4.47 26.27 7.36
C ARG A 268 -4.52 27.78 7.20
N GLU A 269 -5.60 28.23 6.57
CA GLU A 269 -5.86 29.64 6.32
C GLU A 269 -6.24 30.38 7.60
N ALA B 11 -17.01 15.25 -24.07
CA ALA B 11 -18.09 14.95 -23.15
C ALA B 11 -17.55 14.37 -21.85
N SER B 12 -16.22 14.32 -21.74
CA SER B 12 -15.59 13.80 -20.53
C SER B 12 -15.55 14.83 -19.41
N ALA B 13 -15.51 16.12 -19.75
CA ALA B 13 -15.45 17.19 -18.78
C ALA B 13 -15.63 18.52 -19.51
N GLU B 14 -15.88 19.57 -18.73
CA GLU B 14 -15.93 20.92 -19.26
C GLU B 14 -15.03 21.81 -18.44
N PHE B 15 -14.06 22.46 -19.08
CA PHE B 15 -13.11 23.30 -18.37
C PHE B 15 -13.37 24.80 -18.51
N ASN B 16 -14.27 25.21 -19.40
CA ASN B 16 -14.70 26.61 -19.49
C ASN B 16 -13.53 27.58 -19.67
N GLY B 17 -12.58 27.21 -20.51
CA GLY B 17 -11.47 28.10 -20.80
C GLY B 17 -10.32 28.06 -19.81
N ALA B 18 -10.34 27.13 -18.86
CA ALA B 18 -9.25 27.04 -17.88
C ALA B 18 -7.90 26.85 -18.60
N ILE B 19 -6.87 27.52 -18.07
CA ILE B 19 -5.51 27.40 -18.60
C ILE B 19 -4.90 26.10 -18.11
N ALA B 20 -4.49 25.24 -19.04
CA ALA B 20 -3.95 23.92 -18.73
C ALA B 20 -2.57 23.75 -19.36
N VAL B 21 -1.55 23.69 -18.50
CA VAL B 21 -0.18 23.53 -18.97
C VAL B 21 0.12 22.04 -18.92
N VAL B 22 0.48 21.48 -20.07
CA VAL B 22 0.81 20.06 -20.18
C VAL B 22 2.27 19.95 -20.56
N THR B 23 3.10 19.39 -19.69
CA THR B 23 4.50 19.15 -20.05
C THR B 23 4.65 17.83 -20.80
N GLY B 24 5.66 17.77 -21.66
CA GLY B 24 5.80 16.59 -22.49
C GLY B 24 4.71 16.41 -23.52
N ALA B 25 4.04 17.49 -23.90
CA ALA B 25 2.82 17.42 -24.70
C ALA B 25 3.08 17.21 -26.18
N GLY B 26 4.34 17.15 -26.62
CA GLY B 26 4.60 16.89 -28.00
C GLY B 26 4.42 15.45 -28.45
N SER B 27 4.27 14.50 -27.53
CA SER B 27 4.23 13.10 -27.91
CA SER B 27 4.14 13.11 -27.95
C SER B 27 3.48 12.29 -26.87
N GLY B 28 3.05 11.09 -27.25
CA GLY B 28 2.59 10.09 -26.29
C GLY B 28 1.49 10.55 -25.35
N ILE B 29 1.70 10.25 -24.06
CA ILE B 29 0.69 10.54 -23.05
C ILE B 29 0.39 12.04 -22.98
N GLY B 30 1.44 12.88 -23.03
CA GLY B 30 1.19 14.31 -22.94
C GLY B 30 0.41 14.83 -24.13
N ARG B 31 0.71 14.34 -25.33
CA ARG B 31 -0.05 14.71 -26.50
C ARG B 31 -1.52 14.35 -26.34
N ALA B 32 -1.80 13.13 -25.85
CA ALA B 32 -3.19 12.72 -25.69
C ALA B 32 -3.90 13.54 -24.63
N CYS B 33 -3.19 13.89 -23.55
CA CYS B 33 -3.76 14.79 -22.54
C CYS B 33 -4.06 16.15 -23.12
N ALA B 34 -3.14 16.70 -23.90
CA ALA B 34 -3.40 18.01 -24.51
C ALA B 34 -4.62 17.95 -25.42
N GLU B 35 -4.70 16.91 -26.26
CA GLU B 35 -5.82 16.76 -27.18
C GLU B 35 -7.15 16.65 -26.46
N LEU B 36 -7.23 15.81 -25.42
CA LEU B 36 -8.51 15.65 -24.73
C LEU B 36 -8.87 16.88 -23.90
N LEU B 37 -7.89 17.51 -23.25
CA LEU B 37 -8.16 18.75 -22.54
C LEU B 37 -8.72 19.81 -23.48
N SER B 38 -8.12 19.95 -24.67
CA SER B 38 -8.61 20.93 -25.63
C SER B 38 -10.04 20.61 -26.07
N ARG B 39 -10.31 19.33 -26.36
CA ARG B 39 -11.67 18.93 -26.73
C ARG B 39 -12.65 19.14 -25.58
N SER B 40 -12.16 19.24 -24.35
CA SER B 40 -12.99 19.42 -23.16
C SER B 40 -13.10 20.88 -22.74
N GLY B 41 -12.70 21.82 -23.59
CA GLY B 41 -12.90 23.22 -23.30
C GLY B 41 -11.75 23.93 -22.64
N ALA B 42 -10.63 23.26 -22.39
CA ALA B 42 -9.50 23.95 -21.78
C ALA B 42 -8.72 24.73 -22.82
N ASN B 43 -8.07 25.80 -22.36
CA ASN B 43 -7.07 26.53 -23.16
CA ASN B 43 -7.08 26.54 -23.15
C ASN B 43 -5.73 25.89 -22.85
N VAL B 44 -5.25 25.05 -23.76
CA VAL B 44 -4.09 24.20 -23.51
C VAL B 44 -2.80 24.91 -23.91
N ILE B 45 -1.80 24.81 -23.04
CA ILE B 45 -0.43 25.24 -23.30
C ILE B 45 0.38 23.98 -23.50
N VAL B 46 0.78 23.74 -24.75
CA VAL B 46 1.48 22.52 -25.18
C VAL B 46 2.97 22.73 -24.93
N ALA B 47 3.49 22.19 -23.84
CA ALA B 47 4.85 22.45 -23.39
C ALA B 47 5.74 21.24 -23.67
N ASP B 48 6.93 21.49 -24.22
CA ASP B 48 7.83 20.38 -24.56
C ASP B 48 9.21 20.96 -24.82
N ARG B 49 10.23 20.10 -24.69
CA ARG B 49 11.57 20.49 -25.09
C ARG B 49 11.70 20.56 -26.61
N ASP B 50 10.85 19.85 -27.33
CA ASP B 50 10.90 19.74 -28.80
C ASP B 50 9.85 20.68 -29.38
N ILE B 51 10.28 21.86 -29.83
CA ILE B 51 9.32 22.84 -30.35
C ILE B 51 8.61 22.33 -31.60
N GLU B 52 9.28 21.49 -32.40
CA GLU B 52 8.63 21.00 -33.61
C GLU B 52 7.47 20.08 -33.27
N ALA B 53 7.67 19.20 -32.29
CA ALA B 53 6.60 18.30 -31.86
C ALA B 53 5.49 19.08 -31.17
N ALA B 54 5.86 20.04 -30.32
CA ALA B 54 4.86 20.89 -29.68
C ALA B 54 4.03 21.65 -30.69
N THR B 55 4.68 22.22 -31.72
CA THR B 55 3.93 22.95 -32.74
C THR B 55 2.96 22.03 -33.47
N ARG B 56 3.37 20.80 -33.79
CA ARG B 56 2.46 19.89 -34.47
C ARG B 56 1.22 19.60 -33.64
N VAL B 57 1.39 19.37 -32.33
CA VAL B 57 0.26 19.10 -31.46
C VAL B 57 -0.59 20.35 -31.27
N ALA B 58 0.05 21.52 -31.09
CA ALA B 58 -0.69 22.76 -30.87
C ALA B 58 -1.51 23.17 -32.10
N ARG B 59 -1.01 22.88 -33.31
CA ARG B 59 -1.80 23.16 -34.50
C ARG B 59 -3.07 22.32 -34.52
N ALA B 60 -2.97 21.08 -34.04
CA ALA B 60 -4.12 20.19 -34.04
C ALA B 60 -5.10 20.52 -32.92
N THR B 61 -4.63 21.15 -31.84
CA THR B 61 -5.46 21.38 -30.67
C THR B 61 -5.95 22.81 -30.54
N GLY B 62 -5.42 23.74 -31.32
CA GLY B 62 -5.69 25.13 -31.08
C GLY B 62 -5.03 25.67 -29.83
N GLY B 63 -4.21 24.88 -29.16
CA GLY B 63 -3.43 25.37 -28.04
C GLY B 63 -2.29 26.26 -28.49
N LYS B 64 -1.46 26.63 -27.50
CA LYS B 64 -0.30 27.47 -27.74
C LYS B 64 0.92 26.73 -27.24
N THR B 65 2.05 26.90 -27.89
CA THR B 65 3.25 26.16 -27.52
C THR B 65 4.04 26.88 -26.43
N LEU B 66 4.83 26.10 -25.70
CA LEU B 66 5.72 26.61 -24.66
C LEU B 66 6.98 25.75 -24.68
N VAL B 67 8.13 26.36 -24.89
CA VAL B 67 9.38 25.62 -24.85
C VAL B 67 9.74 25.38 -23.39
N LEU B 68 9.99 24.11 -23.04
CA LEU B 68 10.22 23.74 -21.65
C LEU B 68 11.10 22.50 -21.60
N ASP B 69 12.28 22.62 -20.98
CA ASP B 69 13.17 21.49 -20.68
C ASP B 69 13.16 21.32 -19.16
N VAL B 70 12.46 20.28 -18.68
CA VAL B 70 12.31 20.10 -17.23
C VAL B 70 13.60 19.70 -16.54
N GLY B 71 14.67 19.43 -17.28
CA GLY B 71 15.98 19.19 -16.70
C GLY B 71 16.85 20.41 -16.55
N GLU B 72 16.35 21.58 -16.98
CA GLU B 72 17.11 22.83 -16.90
C GLU B 72 16.30 23.84 -16.09
N ASP B 73 16.81 24.17 -14.88
CA ASP B 73 16.11 25.06 -13.96
C ASP B 73 15.72 26.38 -14.62
N ALA B 74 16.65 26.97 -15.37
CA ALA B 74 16.39 28.25 -16.04
C ALA B 74 15.27 28.13 -17.07
N SER B 75 15.14 26.97 -17.72
CA SER B 75 14.06 26.78 -18.70
C SER B 75 12.70 26.74 -18.00
N VAL B 76 12.61 26.05 -16.86
CA VAL B 76 11.35 25.97 -16.14
C VAL B 76 10.95 27.34 -15.61
N THR B 77 11.90 28.06 -15.01
CA THR B 77 11.62 29.40 -14.51
C THR B 77 11.19 30.33 -15.65
N ALA B 78 11.87 30.28 -16.80
CA ALA B 78 11.48 31.16 -17.90
C ALA B 78 10.11 30.79 -18.46
N ALA B 79 9.80 29.49 -18.52
CA ALA B 79 8.49 29.05 -19.00
C ALA B 79 7.38 29.50 -18.06
N ALA B 80 7.60 29.35 -16.75
CA ALA B 80 6.60 29.80 -15.80
C ALA B 80 6.42 31.31 -15.91
N ASN B 81 7.50 32.05 -16.19
CA ASN B 81 7.36 33.50 -16.32
C ASN B 81 6.59 33.87 -17.57
N GLU B 82 6.78 33.12 -18.66
CA GLU B 82 6.04 33.41 -19.88
C GLU B 82 4.56 33.13 -19.67
N VAL B 83 4.24 31.99 -19.05
CA VAL B 83 2.83 31.66 -18.81
C VAL B 83 2.17 32.74 -17.97
N ARG B 84 2.82 33.13 -16.87
CA ARG B 84 2.23 34.14 -15.99
C ARG B 84 1.96 35.45 -16.73
N ALA B 85 2.93 35.91 -17.52
CA ALA B 85 2.78 37.18 -18.22
C ALA B 85 1.80 37.10 -19.39
N ARG B 86 1.81 35.98 -20.13
CA ARG B 86 1.04 35.94 -21.37
C ARG B 86 -0.39 35.47 -21.15
N TYR B 87 -0.61 34.56 -20.21
CA TYR B 87 -1.92 33.96 -19.96
C TYR B 87 -2.45 34.21 -18.56
N GLY B 88 -1.61 34.10 -17.54
CA GLY B 88 -2.04 34.13 -16.16
C GLY B 88 -1.64 32.86 -15.43
N VAL B 89 -2.06 32.77 -14.16
CA VAL B 89 -1.77 31.58 -13.37
C VAL B 89 -2.52 30.39 -13.93
N ALA B 90 -1.84 29.25 -14.00
CA ALA B 90 -2.45 28.06 -14.57
C ALA B 90 -3.58 27.56 -13.68
N ASP B 91 -4.65 27.05 -14.31
CA ASP B 91 -5.69 26.34 -13.58
C ASP B 91 -5.37 24.86 -13.42
N VAL B 92 -4.67 24.29 -14.39
CA VAL B 92 -4.36 22.86 -14.43
C VAL B 92 -2.90 22.71 -14.85
N LEU B 93 -2.17 21.81 -14.18
CA LEU B 93 -0.83 21.41 -14.59
C LEU B 93 -0.79 19.89 -14.69
N VAL B 94 -0.31 19.36 -15.81
CA VAL B 94 -0.15 17.92 -16.02
C VAL B 94 1.32 17.67 -16.36
N ASN B 95 1.99 16.88 -15.53
CA ASN B 95 3.43 16.62 -15.69
C ASN B 95 3.66 15.31 -16.43
N CYS B 96 3.75 15.38 -17.75
CA CYS B 96 3.97 14.20 -18.58
C CYS B 96 5.40 14.06 -19.11
N ALA B 97 6.21 15.12 -19.03
CA ALA B 97 7.59 15.04 -19.51
C ALA B 97 8.34 13.94 -18.77
N GLY B 98 9.01 13.08 -19.53
CA GLY B 98 9.66 11.94 -18.90
C GLY B 98 10.53 11.19 -19.89
N VAL B 99 11.41 10.35 -19.33
CA VAL B 99 12.25 9.45 -20.10
C VAL B 99 12.27 8.08 -19.43
N LEU B 100 12.54 7.05 -20.24
CA LEU B 100 12.73 5.69 -19.78
C LEU B 100 14.22 5.41 -19.60
N GLN B 101 14.56 4.16 -19.29
CA GLN B 101 15.95 3.75 -19.11
C GLN B 101 16.10 2.34 -19.63
N ARG B 102 17.35 1.98 -19.96
CA ARG B 102 17.69 0.59 -20.27
C ARG B 102 17.53 -0.24 -19.00
N THR B 103 17.04 -1.48 -19.16
CA THR B 103 16.63 -2.31 -18.01
C THR B 103 17.79 -3.13 -17.45
N LEU B 104 18.89 -2.42 -17.11
CA LEU B 104 20.15 -3.07 -16.76
C LEU B 104 20.34 -3.16 -15.26
N PRO B 105 21.00 -4.21 -14.78
CA PRO B 105 21.29 -4.32 -13.35
C PRO B 105 22.34 -3.32 -12.91
N PRO B 106 22.48 -3.08 -11.61
CA PRO B 106 23.50 -2.12 -11.15
C PRO B 106 24.89 -2.54 -11.59
N GLY B 107 25.69 -1.55 -11.98
CA GLY B 107 27.00 -1.87 -12.49
C GLY B 107 27.02 -1.89 -14.01
N GLU B 108 26.08 -2.64 -14.60
CA GLU B 108 25.88 -2.52 -16.03
C GLU B 108 25.22 -1.18 -16.37
N LEU B 109 24.27 -0.74 -15.55
CA LEU B 109 23.64 0.56 -15.75
C LEU B 109 24.64 1.65 -15.41
N ALA B 110 24.87 2.56 -16.36
CA ALA B 110 25.79 3.66 -16.10
C ALA B 110 25.16 4.64 -15.12
N GLN B 111 25.97 5.13 -14.18
CA GLN B 111 25.47 6.12 -13.24
C GLN B 111 24.93 7.34 -13.95
N ARG B 112 25.51 7.71 -15.10
CA ARG B 112 25.00 8.82 -15.89
C ARG B 112 23.55 8.57 -16.31
N GLU B 113 23.23 7.34 -16.71
CA GLU B 113 21.85 6.99 -17.07
C GLU B 113 20.92 7.06 -15.86
N TRP B 114 21.39 6.58 -14.71
CA TRP B 114 20.58 6.67 -13.50
C TRP B 114 20.26 8.13 -13.18
N ASP B 115 21.28 8.98 -13.25
CA ASP B 115 21.14 10.40 -12.91
C ASP B 115 20.15 11.11 -13.84
N VAL B 116 20.18 10.82 -15.14
CA VAL B 116 19.29 11.49 -16.09
C VAL B 116 17.83 11.18 -15.74
N VAL B 117 17.54 9.92 -15.45
CA VAL B 117 16.16 9.51 -15.20
C VAL B 117 15.63 10.17 -13.93
N SER B 118 16.45 10.19 -12.87
CA SER B 118 16.05 10.88 -11.65
C SER B 118 15.87 12.36 -11.89
N ARG B 119 16.78 12.98 -12.68
CA ARG B 119 16.69 14.41 -12.91
C ARG B 119 15.44 14.76 -13.69
N ILE B 120 15.10 14.01 -14.74
CA ILE B 120 13.96 14.39 -15.57
C ILE B 120 12.65 13.99 -14.91
N ASP B 121 12.57 12.72 -14.48
CA ASP B 121 11.26 12.17 -14.10
C ASP B 121 10.81 12.60 -12.71
N LEU B 122 11.72 12.69 -11.73
CA LEU B 122 11.32 13.20 -10.41
C LEU B 122 11.61 14.68 -10.26
N ARG B 123 12.88 15.07 -10.34
CA ARG B 123 13.23 16.48 -10.12
C ARG B 123 12.50 17.40 -11.09
N GLY B 124 12.39 17.00 -12.36
CA GLY B 124 11.72 17.87 -13.33
C GLY B 124 10.26 18.08 -13.00
N THR B 125 9.59 17.03 -12.52
CA THR B 125 8.22 17.20 -12.03
C THR B 125 8.18 18.11 -10.80
N TYR B 126 9.16 17.99 -9.89
CA TYR B 126 9.19 18.92 -8.76
C TYR B 126 9.41 20.34 -9.25
N LEU B 127 10.36 20.54 -10.17
CA LEU B 127 10.57 21.90 -10.69
C LEU B 127 9.30 22.53 -11.22
N CYS B 128 8.49 21.75 -11.95
CA CYS B 128 7.28 22.31 -12.54
C CYS B 128 6.20 22.51 -11.49
N CYS B 129 6.10 21.60 -10.52
CA CYS B 129 5.13 21.80 -9.45
C CYS B 129 5.45 23.05 -8.64
N ALA B 130 6.74 23.30 -8.36
CA ALA B 130 7.11 24.51 -7.64
C ALA B 130 6.85 25.76 -8.48
N ALA B 131 7.25 25.75 -9.76
CA ALA B 131 7.19 26.96 -10.58
C ALA B 131 5.76 27.31 -11.00
N PHE B 132 4.99 26.31 -11.43
CA PHE B 132 3.61 26.54 -11.87
C PHE B 132 2.61 26.38 -10.74
N GLY B 133 2.90 25.54 -9.74
CA GLY B 133 1.94 25.23 -8.70
C GLY B 133 1.97 26.17 -7.50
N ALA B 134 3.12 26.70 -7.12
CA ALA B 134 3.11 27.66 -6.03
C ALA B 134 2.21 28.85 -6.34
N PRO B 135 2.21 29.40 -7.56
CA PRO B 135 1.26 30.47 -7.85
C PRO B 135 -0.19 30.03 -7.75
N MET B 136 -0.49 28.77 -8.09
CA MET B 136 -1.85 28.26 -7.88
C MET B 136 -2.23 28.31 -6.40
N ALA B 137 -1.34 27.82 -5.54
CA ALA B 137 -1.62 27.87 -4.11
C ALA B 137 -1.82 29.31 -3.65
N ASP B 138 -1.02 30.24 -4.17
CA ASP B 138 -1.18 31.65 -3.82
CA ASP B 138 -1.18 31.66 -3.83
C ASP B 138 -2.56 32.16 -4.22
N ARG B 139 -3.05 31.71 -5.37
CA ARG B 139 -4.35 32.18 -5.84
C ARG B 139 -5.51 31.37 -5.28
N ARG B 140 -5.21 30.32 -4.49
CA ARG B 140 -6.22 29.52 -3.80
C ARG B 140 -7.06 28.68 -4.76
N ARG B 141 -6.48 28.24 -5.88
CA ARG B 141 -7.21 27.30 -6.74
C ARG B 141 -6.26 26.63 -7.72
N GLY B 142 -6.59 25.41 -8.10
CA GLY B 142 -5.82 24.72 -9.11
C GLY B 142 -5.94 23.22 -8.96
N SER B 143 -5.54 22.51 -10.00
CA SER B 143 -5.51 21.05 -9.99
C SER B 143 -4.26 20.59 -10.72
N ILE B 144 -3.47 19.74 -10.06
CA ILE B 144 -2.22 19.25 -10.62
C ILE B 144 -2.34 17.75 -10.76
N VAL B 145 -1.99 17.22 -11.93
CA VAL B 145 -1.92 15.77 -12.14
C VAL B 145 -0.52 15.39 -12.57
N ASN B 146 0.14 14.55 -11.79
CA ASN B 146 1.46 14.05 -12.16
C ASN B 146 1.31 12.68 -12.82
N ILE B 147 2.32 12.30 -13.60
CA ILE B 147 2.33 10.98 -14.23
C ILE B 147 3.40 10.18 -13.53
N ALA B 148 3.00 9.14 -12.80
CA ALA B 148 3.94 8.21 -12.21
C ALA B 148 4.06 6.98 -13.13
N SER B 149 3.88 5.76 -12.64
CA SER B 149 3.98 4.51 -13.39
C SER B 149 3.72 3.37 -12.43
N VAL B 150 3.17 2.27 -12.95
CA VAL B 150 3.13 1.03 -12.16
C VAL B 150 4.54 0.61 -11.76
N ALA B 151 5.56 1.05 -12.51
CA ALA B 151 6.93 0.68 -12.14
C ALA B 151 7.38 1.35 -10.86
N GLY B 152 6.69 2.39 -10.43
CA GLY B 152 6.93 2.99 -9.13
C GLY B 152 6.20 2.33 -8.00
N MET B 153 5.52 1.20 -8.26
CA MET B 153 4.65 0.54 -7.30
C MET B 153 5.04 -0.90 -7.03
N ARG B 154 5.85 -1.50 -7.87
CA ARG B 154 6.25 -2.89 -7.75
C ARG B 154 7.69 -3.04 -8.22
N SER B 155 8.26 -4.19 -7.91
CA SER B 155 9.63 -4.49 -8.35
C SER B 155 9.72 -4.64 -9.87
N GLY B 156 10.92 -4.37 -10.38
CA GLY B 156 11.19 -4.57 -11.79
C GLY B 156 12.64 -4.18 -12.02
N PRO B 157 13.17 -4.36 -13.24
CA PRO B 157 14.59 -4.11 -13.53
C PRO B 157 14.89 -2.65 -13.85
N LEU B 158 14.40 -1.75 -13.00
CA LEU B 158 14.33 -0.33 -13.32
C LEU B 158 14.82 0.43 -12.09
N HIS B 159 16.14 0.37 -11.83
CA HIS B 159 16.66 0.85 -10.55
C HIS B 159 16.73 2.35 -10.44
N ALA B 160 16.53 3.08 -11.55
CA ALA B 160 16.36 4.53 -11.49
C ALA B 160 14.91 4.93 -11.68
N TYR B 161 14.26 4.34 -12.68
CA TYR B 161 12.93 4.75 -13.06
C TYR B 161 11.90 4.37 -12.00
N GLY B 162 12.00 3.16 -11.43
CA GLY B 162 11.13 2.77 -10.35
C GLY B 162 11.19 3.74 -9.18
N PRO B 163 12.39 3.96 -8.64
CA PRO B 163 12.50 4.92 -7.52
C PRO B 163 12.02 6.32 -7.87
N ALA B 164 12.27 6.79 -9.10
CA ALA B 164 11.84 8.14 -9.47
C ALA B 164 10.33 8.24 -9.50
N LYS B 165 9.69 7.21 -10.06
CA LYS B 165 8.23 7.20 -10.15
C LYS B 165 7.58 6.99 -8.79
N ALA B 166 8.21 6.20 -7.89
CA ALA B 166 7.74 6.15 -6.52
C ALA B 166 7.91 7.51 -5.86
N GLY B 167 8.96 8.23 -6.24
CA GLY B 167 9.12 9.59 -5.76
C GLY B 167 7.98 10.50 -6.20
N VAL B 168 7.48 10.28 -7.40
CA VAL B 168 6.38 11.11 -7.90
C VAL B 168 5.11 10.80 -7.13
N ILE B 169 4.87 9.52 -6.80
CA ILE B 169 3.70 9.18 -6.01
C ILE B 169 3.76 9.87 -4.65
N SER B 170 4.94 9.86 -4.02
CA SER B 170 5.12 10.52 -2.73
C SER B 170 4.93 12.02 -2.82
N LEU B 171 5.61 12.66 -3.77
CA LEU B 171 5.51 14.10 -3.97
C LEU B 171 4.06 14.51 -4.22
N THR B 172 3.28 13.65 -4.87
CA THR B 172 1.85 13.94 -5.04
C THR B 172 1.16 14.02 -3.68
N GLU B 173 1.48 13.08 -2.79
CA GLU B 173 0.91 13.10 -1.45
C GLU B 173 1.42 14.29 -0.63
N THR B 174 2.71 14.61 -0.70
CA THR B 174 3.22 15.69 0.13
C THR B 174 2.62 17.02 -0.29
N LEU B 175 2.60 17.27 -1.58
CA LEU B 175 2.00 18.51 -2.09
C LEU B 175 0.50 18.56 -1.83
N ALA B 176 -0.20 17.44 -1.98
CA ALA B 176 -1.62 17.45 -1.65
C ALA B 176 -1.85 17.93 -0.23
N GLY B 177 -0.97 17.57 0.69
CA GLY B 177 -1.16 18.04 2.03
C GLY B 177 -0.75 19.49 2.21
N GLU B 178 0.32 19.89 1.55
CA GLU B 178 0.79 21.26 1.72
C GLU B 178 -0.25 22.24 1.19
N TRP B 179 -0.86 21.91 0.05
CA TRP B 179 -1.68 22.86 -0.69
C TRP B 179 -3.17 22.58 -0.60
N GLY B 180 -3.56 21.44 -0.01
CA GLY B 180 -4.97 21.16 0.24
C GLY B 180 -5.69 22.31 0.94
N PRO B 181 -5.13 22.82 2.03
CA PRO B 181 -5.77 23.95 2.72
C PRO B 181 -5.83 25.23 1.88
N LYS B 182 -5.07 25.30 0.79
CA LYS B 182 -5.16 26.44 -0.13
C LYS B 182 -5.98 26.13 -1.36
N GLY B 183 -6.70 25.00 -1.36
CA GLY B 183 -7.66 24.72 -2.41
C GLY B 183 -7.09 24.12 -3.68
N VAL B 184 -5.86 23.62 -3.65
CA VAL B 184 -5.24 23.01 -4.81
C VAL B 184 -5.24 21.49 -4.62
N ARG B 185 -5.81 20.78 -5.58
CA ARG B 185 -5.80 19.32 -5.55
C ARG B 185 -4.58 18.85 -6.31
N VAL B 186 -3.94 17.80 -5.81
CA VAL B 186 -2.76 17.19 -6.44
C VAL B 186 -3.00 15.69 -6.46
N ASN B 187 -2.97 15.09 -7.65
CA ASN B 187 -3.19 13.66 -7.83
C ASN B 187 -2.18 13.14 -8.84
N CYS B 188 -2.14 11.81 -8.99
CA CYS B 188 -1.21 11.13 -9.87
CA CYS B 188 -1.27 11.23 -9.99
C CYS B 188 -1.93 10.02 -10.62
N VAL B 189 -1.53 9.78 -11.89
CA VAL B 189 -1.97 8.63 -12.67
C VAL B 189 -0.75 7.74 -12.90
N SER B 190 -0.88 6.44 -12.63
CA SER B 190 0.23 5.50 -12.86
C SER B 190 -0.08 4.64 -14.06
N PRO B 191 0.42 5.00 -15.24
CA PRO B 191 0.18 4.15 -16.41
C PRO B 191 0.86 2.80 -16.27
N GLY B 192 0.22 1.79 -16.84
CA GLY B 192 0.91 0.57 -17.18
C GLY B 192 1.61 0.75 -18.50
N PHE B 193 1.80 -0.36 -19.23
CA PHE B 193 2.43 -0.28 -20.54
C PHE B 193 1.48 0.39 -21.53
N THR B 194 1.89 1.56 -22.02
CA THR B 194 1.03 2.45 -22.79
C THR B 194 1.66 2.66 -24.15
N GLN B 195 0.85 2.56 -25.21
CA GLN B 195 1.31 2.64 -26.59
C GLN B 195 1.72 4.09 -26.89
N THR B 196 3.04 4.34 -26.92
CA THR B 196 3.60 5.66 -27.24
C THR B 196 4.87 5.41 -28.04
N PRO B 197 5.47 6.43 -28.65
CA PRO B 197 6.78 6.23 -29.30
C PRO B 197 7.85 5.71 -28.35
N ALA B 198 7.76 6.04 -27.07
CA ALA B 198 8.71 5.52 -26.10
C ALA B 198 8.56 4.02 -25.93
N LEU B 199 7.32 3.51 -25.89
CA LEU B 199 7.13 2.07 -25.86
C LEU B 199 7.60 1.42 -27.17
N GLU B 200 7.36 2.08 -28.30
CA GLU B 200 7.79 1.52 -29.58
C GLU B 200 9.29 1.34 -29.62
N ARG B 201 10.05 2.25 -29.00
CA ARG B 201 11.49 2.07 -28.94
C ARG B 201 11.88 0.88 -28.07
N GLY B 202 11.07 0.55 -27.07
CA GLY B 202 11.30 -0.68 -26.33
C GLY B 202 11.12 -1.92 -27.18
N PHE B 203 10.16 -1.87 -28.12
CA PHE B 203 9.99 -3.00 -29.04
C PHE B 203 11.13 -3.07 -30.04
N THR B 204 11.49 -1.92 -30.63
CA THR B 204 12.51 -1.91 -31.68
C THR B 204 13.87 -2.36 -31.13
N THR B 205 14.26 -1.86 -29.95
CA THR B 205 15.49 -2.32 -29.32
C THR B 205 15.37 -3.71 -28.74
N HIS B 206 14.17 -4.31 -28.78
CA HIS B 206 13.91 -5.64 -28.23
C HIS B 206 14.09 -5.71 -26.72
N THR B 207 13.91 -4.57 -26.05
CA THR B 207 13.82 -4.56 -24.59
C THR B 207 12.49 -5.12 -24.12
N LEU B 208 11.44 -4.98 -24.93
CA LEU B 208 10.09 -5.42 -24.57
C LEU B 208 9.47 -6.15 -25.76
N LYS B 209 8.50 -7.00 -25.46
CA LYS B 209 7.76 -7.76 -26.46
C LYS B 209 6.27 -7.53 -26.26
N ALA B 210 5.59 -7.09 -27.31
CA ALA B 210 4.21 -6.64 -27.18
C ALA B 210 3.30 -7.75 -26.63
N ASP B 211 3.44 -8.98 -27.13
CA ASP B 211 2.58 -10.04 -26.61
C ASP B 211 2.86 -10.36 -25.15
N VAL B 212 4.12 -10.19 -24.73
CA VAL B 212 4.47 -10.38 -23.32
C VAL B 212 3.77 -9.33 -22.45
N LEU B 213 3.68 -8.10 -22.94
CA LEU B 213 2.99 -7.05 -22.17
C LEU B 213 1.50 -7.31 -22.07
N ARG B 214 0.86 -7.74 -23.16
CA ARG B 214 -0.56 -8.11 -23.09
C ARG B 214 -0.77 -9.25 -22.13
N ASP B 215 0.07 -10.29 -22.21
CA ASP B 215 -0.10 -11.43 -21.32
C ASP B 215 0.06 -11.05 -19.86
N ALA B 216 0.81 -10.00 -19.57
CA ALA B 216 1.07 -9.56 -18.20
C ALA B 216 -0.02 -8.70 -17.61
N ALA B 217 -1.11 -8.47 -18.34
CA ALA B 217 -2.22 -7.64 -17.89
C ALA B 217 -3.49 -8.47 -17.84
N ALA B 218 -4.27 -8.27 -16.78
CA ALA B 218 -5.49 -9.07 -16.62
C ALA B 218 -6.47 -8.88 -17.77
N LEU B 219 -6.56 -7.67 -18.35
CA LEU B 219 -7.43 -7.45 -19.52
C LEU B 219 -6.80 -7.84 -20.85
N GLY B 220 -5.52 -8.20 -20.87
CA GLY B 220 -4.92 -8.65 -22.11
C GLY B 220 -4.65 -7.58 -23.14
N HIS B 221 -4.47 -6.33 -22.71
CA HIS B 221 -4.28 -5.20 -23.61
C HIS B 221 -3.07 -4.39 -23.18
N ILE B 222 -2.51 -3.68 -24.14
CA ILE B 222 -1.63 -2.54 -23.90
C ILE B 222 -2.51 -1.29 -23.83
N VAL B 223 -2.23 -0.43 -22.85
CA VAL B 223 -3.06 0.75 -22.60
C VAL B 223 -2.81 1.77 -23.69
N SER B 224 -3.85 2.45 -24.13
CA SER B 224 -3.62 3.50 -25.10
C SER B 224 -3.39 4.84 -24.41
N ALA B 225 -2.69 5.74 -25.13
CA ALA B 225 -2.41 7.07 -24.59
C ALA B 225 -3.71 7.81 -24.27
N ASN B 226 -4.75 7.60 -25.09
CA ASN B 226 -6.05 8.22 -24.82
C ASN B 226 -6.65 7.70 -23.52
N GLU B 227 -6.44 6.42 -23.19
CA GLU B 227 -7.00 5.88 -21.97
C GLU B 227 -6.35 6.52 -20.74
N ILE B 228 -5.03 6.77 -20.82
CA ILE B 228 -4.37 7.55 -19.78
C ILE B 228 -4.96 8.94 -19.71
N ALA B 229 -5.18 9.57 -20.88
CA ALA B 229 -5.67 10.96 -20.86
C ALA B 229 -7.05 11.05 -20.21
N GLU B 230 -7.90 10.03 -20.40
CA GLU B 230 -9.22 10.07 -19.77
C GLU B 230 -9.10 10.14 -18.25
N ALA B 231 -8.15 9.40 -17.68
CA ALA B 231 -7.99 9.43 -16.23
C ALA B 231 -7.41 10.76 -15.76
N VAL B 232 -6.45 11.28 -16.51
CA VAL B 232 -5.88 12.59 -16.20
C VAL B 232 -6.96 13.66 -16.24
N VAL B 233 -7.80 13.63 -17.28
CA VAL B 233 -8.81 14.66 -17.42
C VAL B 233 -9.88 14.55 -16.34
N PHE B 234 -10.29 13.33 -15.99
CA PHE B 234 -11.20 13.15 -14.86
C PHE B 234 -10.66 13.81 -13.59
N LEU B 235 -9.40 13.48 -13.23
CA LEU B 235 -8.80 14.01 -11.99
C LEU B 235 -8.59 15.51 -12.06
N ALA B 236 -8.24 16.04 -13.24
CA ALA B 236 -8.04 17.48 -13.40
C ALA B 236 -9.33 18.27 -13.30
N SER B 237 -10.48 17.65 -13.56
CA SER B 237 -11.77 18.29 -13.69
C SER B 237 -12.52 18.41 -12.36
N GLU B 238 -13.55 19.24 -12.38
CA GLU B 238 -14.43 19.37 -11.22
C GLU B 238 -15.22 18.11 -10.91
N ARG B 239 -15.26 17.11 -11.81
CA ARG B 239 -15.92 15.86 -11.47
C ARG B 239 -15.15 15.14 -10.36
N ALA B 240 -13.90 15.54 -10.13
CA ALA B 240 -13.05 14.98 -9.08
C ALA B 240 -12.80 15.98 -7.95
N SER B 241 -13.77 16.86 -7.65
CA SER B 241 -13.57 17.97 -6.73
C SER B 241 -13.27 17.54 -5.29
N ALA B 242 -13.57 16.29 -4.93
CA ALA B 242 -13.22 15.78 -3.61
C ALA B 242 -12.03 14.84 -3.61
N ILE B 243 -11.33 14.69 -4.73
CA ILE B 243 -10.23 13.75 -4.83
C ILE B 243 -8.92 14.49 -4.77
N THR B 244 -8.10 14.17 -3.77
CA THR B 244 -6.76 14.71 -3.74
C THR B 244 -5.82 13.71 -3.07
N GLY B 245 -4.55 13.75 -3.47
CA GLY B 245 -3.55 12.89 -2.87
C GLY B 245 -3.63 11.46 -3.30
N VAL B 246 -4.26 11.16 -4.42
CA VAL B 246 -4.44 9.77 -4.82
C VAL B 246 -3.55 9.44 -6.01
N ASN B 247 -3.25 8.15 -6.13
CA ASN B 247 -2.56 7.56 -7.27
C ASN B 247 -3.53 6.60 -7.95
N LEU B 248 -3.91 6.92 -9.20
CA LEU B 248 -4.86 6.12 -9.96
C LEU B 248 -4.15 5.27 -11.01
N PRO B 249 -4.06 3.95 -10.83
CA PRO B 249 -3.40 3.13 -11.86
C PRO B 249 -4.30 2.90 -13.05
N VAL B 250 -3.73 3.05 -14.25
CA VAL B 250 -4.44 2.83 -15.50
C VAL B 250 -3.55 1.89 -16.29
N ASP B 251 -3.77 0.60 -16.11
CA ASP B 251 -2.74 -0.37 -16.45
C ASP B 251 -3.28 -1.65 -17.05
N ALA B 252 -4.58 -1.70 -17.42
CA ALA B 252 -5.19 -2.89 -17.97
C ALA B 252 -5.07 -4.10 -17.04
N GLY B 253 -4.85 -3.86 -15.74
CA GLY B 253 -4.73 -4.96 -14.81
C GLY B 253 -3.36 -5.60 -14.72
N TYR B 254 -2.30 -4.90 -15.12
CA TYR B 254 -0.93 -5.39 -14.88
C TYR B 254 -0.69 -5.67 -13.39
N LEU B 255 -1.08 -4.75 -12.50
CA LEU B 255 -0.81 -4.93 -11.06
C LEU B 255 -1.54 -6.15 -10.51
N ILE B 256 -2.64 -6.55 -11.15
CA ILE B 256 -3.47 -7.67 -10.71
C ILE B 256 -2.88 -9.00 -11.15
N ALA B 257 -2.29 -9.06 -12.34
CA ALA B 257 -2.05 -10.33 -12.99
C ALA B 257 -0.85 -11.08 -12.44
N GLY B 258 0.18 -10.36 -11.98
CA GLY B 258 1.44 -11.00 -11.64
C GLY B 258 1.33 -12.06 -10.55
N SER B 259 0.43 -11.86 -9.59
CA SER B 259 0.29 -12.76 -8.46
C SER B 259 -0.46 -14.04 -8.81
N TRP B 260 -0.93 -14.19 -10.04
CA TRP B 260 -1.63 -15.42 -10.41
C TRP B 260 -0.71 -16.54 -10.83
N ALA B 261 0.56 -16.26 -11.14
CA ALA B 261 1.44 -17.30 -11.68
C ALA B 261 1.56 -18.48 -10.73
N ALA B 262 1.58 -18.21 -9.42
CA ALA B 262 1.67 -19.29 -8.44
C ALA B 262 0.50 -20.26 -8.52
N TYR B 263 -0.64 -19.80 -9.05
CA TYR B 263 -1.84 -20.63 -9.16
C TYR B 263 -2.06 -21.14 -10.57
N GLY B 264 -1.02 -21.09 -11.41
CA GLY B 264 -1.15 -21.53 -12.78
C GLY B 264 -1.41 -20.42 -13.78
N GLY B 265 -1.43 -19.16 -13.33
CA GLY B 265 -1.60 -18.03 -14.21
C GLY B 265 -3.05 -17.61 -14.37
N LEU B 266 -3.22 -16.55 -15.15
CA LEU B 266 -4.55 -16.07 -15.51
C LEU B 266 -5.32 -17.16 -16.23
N ARG B 267 -6.63 -17.17 -15.99
CA ARG B 267 -7.51 -18.20 -16.54
C ARG B 267 -8.09 -17.68 -17.84
N ARG B 268 -7.39 -17.93 -18.95
CA ARG B 268 -7.79 -17.36 -20.24
C ARG B 268 -8.52 -18.36 -21.13
N ALA C 11 20.85 -12.97 23.02
CA ALA C 11 21.41 -12.61 21.72
C ALA C 11 20.34 -12.37 20.67
N SER C 12 20.46 -11.25 19.94
CA SER C 12 19.52 -10.94 18.87
C SER C 12 19.82 -11.73 17.60
N ALA C 13 21.09 -12.05 17.36
CA ALA C 13 21.50 -12.80 16.17
C ALA C 13 22.94 -13.20 16.36
N GLU C 14 23.40 -14.12 15.50
CA GLU C 14 24.82 -14.48 15.44
C GLU C 14 25.29 -14.38 14.00
N PHE C 15 26.33 -13.56 13.76
CA PHE C 15 26.84 -13.38 12.41
C PHE C 15 28.14 -14.12 12.12
N ASN C 16 28.77 -14.70 13.14
CA ASN C 16 29.93 -15.57 12.94
C ASN C 16 31.02 -14.90 12.11
N GLY C 17 31.32 -13.65 12.42
CA GLY C 17 32.43 -12.97 11.76
C GLY C 17 32.07 -12.33 10.44
N ALA C 18 30.80 -12.37 10.03
CA ALA C 18 30.42 -11.78 8.75
C ALA C 18 30.82 -10.31 8.69
N ILE C 19 31.30 -9.88 7.52
CA ILE C 19 31.68 -8.49 7.31
C ILE C 19 30.43 -7.64 7.08
N ALA C 20 30.25 -6.62 7.92
CA ALA C 20 29.08 -5.77 7.86
C ALA C 20 29.50 -4.30 7.71
N VAL C 21 29.22 -3.72 6.55
CA VAL C 21 29.51 -2.31 6.30
C VAL C 21 28.26 -1.53 6.68
N VAL C 22 28.42 -0.56 7.59
CA VAL C 22 27.33 0.32 7.99
C VAL C 22 27.72 1.74 7.57
N THR C 23 26.96 2.34 6.64
CA THR C 23 27.20 3.74 6.31
C THR C 23 26.47 4.64 7.31
N GLY C 24 27.01 5.84 7.49
CA GLY C 24 26.46 6.74 8.51
C GLY C 24 26.67 6.23 9.91
N ALA C 25 27.72 5.45 10.14
CA ALA C 25 27.82 4.72 11.39
C ALA C 25 28.41 5.54 12.52
N GLY C 26 28.76 6.80 12.28
CA GLY C 26 29.30 7.64 13.34
C GLY C 26 28.29 8.20 14.30
N SER C 27 26.99 8.11 14.01
CA SER C 27 26.00 8.73 14.88
CA SER C 27 25.99 8.77 14.84
C SER C 27 24.65 8.07 14.68
N GLY C 28 23.75 8.31 15.65
CA GLY C 28 22.34 7.96 15.50
C GLY C 28 22.05 6.51 15.16
N ILE C 29 21.20 6.33 14.14
CA ILE C 29 20.77 4.99 13.76
C ILE C 29 21.96 4.14 13.31
N GLY C 30 22.87 4.71 12.51
CA GLY C 30 24.01 3.91 12.04
C GLY C 30 24.92 3.49 13.16
N ARG C 31 25.10 4.37 14.15
CA ARG C 31 25.89 4.01 15.33
C ARG C 31 25.25 2.84 16.06
N ALA C 32 23.93 2.88 16.27
CA ALA C 32 23.28 1.82 17.01
C ALA C 32 23.32 0.51 16.24
N CYS C 33 23.20 0.58 14.91
CA CYS C 33 23.33 -0.62 14.10
C CYS C 33 24.75 -1.19 14.19
N ALA C 34 25.76 -0.35 14.11
CA ALA C 34 27.12 -0.85 14.22
C ALA C 34 27.35 -1.52 15.57
N GLU C 35 26.88 -0.88 16.65
CA GLU C 35 27.03 -1.43 17.98
C GLU C 35 26.36 -2.78 18.13
N LEU C 36 25.10 -2.90 17.67
CA LEU C 36 24.39 -4.18 17.86
C LEU C 36 24.95 -5.26 16.95
N LEU C 37 25.28 -4.93 15.70
CA LEU C 37 25.94 -5.89 14.82
C LEU C 37 27.22 -6.42 15.46
N SER C 38 28.03 -5.54 16.07
CA SER C 38 29.27 -5.99 16.70
C SER C 38 28.98 -6.91 17.88
N ARG C 39 28.01 -6.51 18.73
CA ARG C 39 27.62 -7.36 19.84
C ARG C 39 27.08 -8.70 19.37
N SER C 40 26.61 -8.78 18.13
CA SER C 40 26.04 -9.99 17.56
C SER C 40 27.05 -10.80 16.75
N GLY C 41 28.33 -10.47 16.84
CA GLY C 41 29.36 -11.27 16.20
C GLY C 41 29.75 -10.90 14.79
N ALA C 42 29.30 -9.76 14.29
CA ALA C 42 29.77 -9.34 12.97
C ALA C 42 31.07 -8.57 13.09
N ASN C 43 31.84 -8.60 12.02
CA ASN C 43 33.03 -7.76 11.88
CA ASN C 43 33.02 -7.74 11.91
C ASN C 43 32.57 -6.47 11.20
N VAL C 44 32.37 -5.42 11.99
CA VAL C 44 31.74 -4.19 11.50
C VAL C 44 32.78 -3.24 10.91
N ILE C 45 32.44 -2.69 9.75
CA ILE C 45 33.14 -1.57 9.14
C ILE C 45 32.26 -0.34 9.38
N VAL C 46 32.76 0.58 10.21
CA VAL C 46 32.08 1.81 10.61
C VAL C 46 32.42 2.88 9.58
N ALA C 47 31.50 3.13 8.65
CA ALA C 47 31.76 4.04 7.53
C ALA C 47 31.00 5.33 7.72
N ASP C 48 31.66 6.46 7.50
CA ASP C 48 31.04 7.76 7.73
C ASP C 48 31.89 8.81 7.03
N ARG C 49 31.28 9.95 6.73
CA ARG C 49 32.08 11.05 6.20
C ARG C 49 32.95 11.69 7.27
N ASP C 50 32.61 11.49 8.54
CA ASP C 50 33.26 12.15 9.68
C ASP C 50 34.13 11.13 10.39
N ILE C 51 35.45 11.19 10.13
CA ILE C 51 36.36 10.20 10.71
C ILE C 51 36.37 10.27 12.23
N GLU C 52 36.18 11.46 12.80
CA GLU C 52 36.22 11.58 14.26
C GLU C 52 35.09 10.81 14.89
N ALA C 53 33.86 10.96 14.36
CA ALA C 53 32.74 10.20 14.87
C ALA C 53 32.89 8.71 14.59
N ALA C 54 33.36 8.35 13.40
CA ALA C 54 33.56 6.94 13.09
C ALA C 54 34.58 6.32 14.03
N THR C 55 35.68 7.03 14.31
CA THR C 55 36.68 6.50 15.23
C THR C 55 36.09 6.26 16.61
N ARG C 56 35.27 7.20 17.10
CA ARG C 56 34.68 7.03 18.43
C ARG C 56 33.80 5.79 18.48
N VAL C 57 32.98 5.57 17.45
CA VAL C 57 32.13 4.39 17.41
C VAL C 57 32.96 3.12 17.31
N ALA C 58 33.97 3.11 16.43
CA ALA C 58 34.79 1.92 16.21
C ALA C 58 35.60 1.54 17.44
N ARG C 59 36.03 2.51 18.25
CA ARG C 59 36.70 2.17 19.51
C ARG C 59 35.76 1.40 20.43
N ALA C 60 34.47 1.66 20.33
CA ALA C 60 33.49 0.98 21.18
C ALA C 60 33.10 -0.38 20.63
N THR C 61 33.18 -0.58 19.31
CA THR C 61 32.72 -1.82 18.69
C THR C 61 33.86 -2.77 18.36
N GLY C 62 35.11 -2.35 18.51
CA GLY C 62 36.19 -3.12 17.94
C GLY C 62 36.19 -3.16 16.44
N GLY C 63 35.28 -2.45 15.79
CA GLY C 63 35.21 -2.40 14.34
C GLY C 63 36.34 -1.56 13.76
N LYS C 64 36.25 -1.37 12.45
CA LYS C 64 37.27 -0.67 11.68
C LYS C 64 36.59 0.49 10.98
N THR C 65 37.30 1.60 10.82
CA THR C 65 36.70 2.79 10.22
C THR C 65 36.90 2.82 8.71
N LEU C 66 35.95 3.47 8.02
CA LEU C 66 36.03 3.68 6.58
C LEU C 66 35.51 5.07 6.29
N VAL C 67 36.31 5.91 5.65
CA VAL C 67 35.83 7.23 5.25
C VAL C 67 35.00 7.08 3.98
N LEU C 68 33.79 7.63 4.01
CA LEU C 68 32.81 7.41 2.94
C LEU C 68 31.90 8.62 2.87
N ASP C 69 31.89 9.30 1.72
CA ASP C 69 30.95 10.40 1.45
C ASP C 69 30.02 9.89 0.36
N VAL C 70 28.78 9.54 0.73
CA VAL C 70 27.86 8.94 -0.24
C VAL C 70 27.38 9.93 -1.29
N GLY C 71 27.75 11.21 -1.16
CA GLY C 71 27.46 12.19 -2.17
C GLY C 71 28.55 12.36 -3.19
N GLU C 72 29.67 11.65 -3.04
CA GLU C 72 30.80 11.73 -3.98
C GLU C 72 31.04 10.34 -4.55
N ASP C 73 30.80 10.19 -5.85
CA ASP C 73 30.91 8.90 -6.53
C ASP C 73 32.29 8.28 -6.30
N ALA C 74 33.34 9.09 -6.47
CA ALA C 74 34.70 8.59 -6.30
C ALA C 74 34.96 8.09 -4.88
N SER C 75 34.33 8.71 -3.88
CA SER C 75 34.46 8.25 -2.50
C SER C 75 33.85 6.87 -2.33
N VAL C 76 32.65 6.66 -2.86
CA VAL C 76 31.99 5.37 -2.72
C VAL C 76 32.79 4.28 -3.42
N THR C 77 33.22 4.56 -4.65
CA THR C 77 34.01 3.59 -5.39
C THR C 77 35.30 3.24 -4.64
N ALA C 78 36.02 4.26 -4.14
CA ALA C 78 37.27 3.99 -3.42
C ALA C 78 37.03 3.20 -2.14
N ALA C 79 35.92 3.50 -1.45
CA ALA C 79 35.61 2.80 -0.20
C ALA C 79 35.28 1.34 -0.46
N ALA C 80 34.52 1.05 -1.52
CA ALA C 80 34.23 -0.33 -1.87
C ALA C 80 35.51 -1.07 -2.23
N ASN C 81 36.41 -0.41 -2.97
CA ASN C 81 37.68 -1.04 -3.32
C ASN C 81 38.50 -1.35 -2.08
N GLU C 82 38.52 -0.41 -1.12
CA GLU C 82 39.29 -0.63 0.10
C GLU C 82 38.73 -1.79 0.91
N VAL C 83 37.41 -1.91 0.99
CA VAL C 83 36.80 -3.03 1.70
C VAL C 83 37.17 -4.35 1.03
N ARG C 84 37.04 -4.42 -0.30
CA ARG C 84 37.40 -5.64 -1.01
C ARG C 84 38.87 -6.00 -0.79
N ALA C 85 39.75 -5.00 -0.82
CA ALA C 85 41.19 -5.28 -0.68
C ALA C 85 41.57 -5.67 0.74
N ARG C 86 40.98 -5.00 1.74
CA ARG C 86 41.46 -5.21 3.10
C ARG C 86 40.72 -6.34 3.81
N TYR C 87 39.44 -6.53 3.51
CA TYR C 87 38.62 -7.47 4.25
C TYR C 87 37.98 -8.55 3.40
N GLY C 88 37.44 -8.19 2.24
CA GLY C 88 36.71 -9.10 1.38
C GLY C 88 35.38 -8.52 1.00
N VAL C 89 34.60 -9.31 0.25
CA VAL C 89 33.25 -8.87 -0.13
C VAL C 89 32.36 -8.82 1.10
N ALA C 90 31.58 -7.76 1.21
CA ALA C 90 30.74 -7.60 2.39
C ALA C 90 29.69 -8.69 2.43
N ASP C 91 29.38 -9.16 3.64
CA ASP C 91 28.22 -10.03 3.84
C ASP C 91 26.95 -9.24 4.10
N VAL C 92 27.07 -8.08 4.73
CA VAL C 92 25.93 -7.25 5.11
C VAL C 92 26.27 -5.81 4.77
N LEU C 93 25.30 -5.09 4.22
CA LEU C 93 25.41 -3.64 4.00
C LEU C 93 24.17 -2.97 4.59
N VAL C 94 24.37 -1.94 5.41
CA VAL C 94 23.30 -1.17 6.01
C VAL C 94 23.51 0.29 5.63
N ASN C 95 22.52 0.87 4.95
CA ASN C 95 22.63 2.23 4.42
C ASN C 95 21.94 3.21 5.36
N CYS C 96 22.71 3.76 6.32
CA CYS C 96 22.16 4.72 7.28
C CYS C 96 22.57 6.16 7.02
N ALA C 97 23.55 6.41 6.15
CA ALA C 97 23.93 7.78 5.84
C ALA C 97 22.73 8.55 5.31
N GLY C 98 22.49 9.72 5.86
CA GLY C 98 21.35 10.50 5.42
C GLY C 98 21.38 11.89 6.02
N VAL C 99 20.54 12.76 5.45
CA VAL C 99 20.32 14.10 5.96
C VAL C 99 18.83 14.41 5.95
N LEU C 100 18.41 15.32 6.83
CA LEU C 100 17.04 15.81 6.84
C LEU C 100 16.97 17.11 6.04
N GLN C 101 15.82 17.80 6.10
CA GLN C 101 15.61 19.06 5.42
C GLN C 101 14.71 19.94 6.28
N ARG C 102 14.76 21.25 6.03
CA ARG C 102 13.82 22.19 6.61
C ARG C 102 12.43 21.93 6.02
N THR C 103 11.40 22.04 6.85
CA THR C 103 10.05 21.62 6.45
C THR C 103 9.27 22.70 5.71
N LEU C 104 9.86 23.23 4.68
CA LEU C 104 9.37 24.41 3.99
C LEU C 104 8.58 24.05 2.73
N PRO C 105 7.59 24.87 2.39
CA PRO C 105 6.78 24.61 1.19
C PRO C 105 7.57 24.96 -0.07
N PRO C 106 7.12 24.51 -1.23
CA PRO C 106 7.88 24.84 -2.46
C PRO C 106 7.96 26.34 -2.69
N GLY C 107 9.12 26.78 -3.15
CA GLY C 107 9.35 28.21 -3.26
C GLY C 107 10.09 28.76 -2.06
N GLU C 108 9.64 28.41 -0.86
CA GLU C 108 10.42 28.73 0.34
C GLU C 108 11.62 27.80 0.47
N LEU C 109 11.43 26.53 0.16
CA LEU C 109 12.54 25.57 0.14
C LEU C 109 13.44 25.88 -1.05
N ALA C 110 14.73 26.12 -0.80
CA ALA C 110 15.65 26.34 -1.90
C ALA C 110 15.82 25.06 -2.71
N GLN C 111 15.87 25.20 -4.05
CA GLN C 111 16.19 24.04 -4.87
C GLN C 111 17.51 23.40 -4.47
N ARG C 112 18.48 24.18 -4.00
CA ARG C 112 19.74 23.60 -3.54
C ARG C 112 19.51 22.62 -2.39
N GLU C 113 18.58 22.95 -1.47
CA GLU C 113 18.27 22.05 -0.37
C GLU C 113 17.57 20.78 -0.85
N TRP C 114 16.63 20.93 -1.79
CA TRP C 114 15.97 19.77 -2.39
C TRP C 114 17.01 18.83 -3.01
N ASP C 115 17.95 19.41 -3.77
CA ASP C 115 18.94 18.60 -4.47
C ASP C 115 19.83 17.82 -3.50
N VAL C 116 20.26 18.44 -2.40
CA VAL C 116 21.15 17.76 -1.45
C VAL C 116 20.46 16.52 -0.89
N VAL C 117 19.20 16.68 -0.48
CA VAL C 117 18.48 15.58 0.16
C VAL C 117 18.33 14.41 -0.81
N SER C 118 17.93 14.70 -2.06
CA SER C 118 17.82 13.64 -3.06
C SER C 118 19.18 12.98 -3.31
N ARG C 119 20.24 13.78 -3.41
CA ARG C 119 21.55 13.24 -3.72
C ARG C 119 22.07 12.34 -2.61
N ILE C 120 21.91 12.76 -1.34
CA ILE C 120 22.46 11.95 -0.25
C ILE C 120 21.57 10.76 0.05
N ASP C 121 20.25 11.01 0.17
CA ASP C 121 19.37 10.02 0.78
C ASP C 121 18.93 8.94 -0.20
N LEU C 122 18.64 9.29 -1.46
CA LEU C 122 18.34 8.26 -2.45
C LEU C 122 19.57 7.87 -3.27
N ARG C 123 20.17 8.83 -3.98
CA ARG C 123 21.29 8.51 -4.86
C ARG C 123 22.45 7.90 -4.09
N GLY C 124 22.75 8.43 -2.90
CA GLY C 124 23.84 7.87 -2.11
C GLY C 124 23.60 6.44 -1.69
N THR C 125 22.36 6.09 -1.38
CA THR C 125 22.02 4.70 -1.11
C THR C 125 22.19 3.84 -2.37
N TYR C 126 21.76 4.36 -3.54
CA TYR C 126 21.97 3.61 -4.77
C TYR C 126 23.46 3.41 -5.05
N LEU C 127 24.28 4.46 -4.87
CA LEU C 127 25.71 4.31 -5.09
C LEU C 127 26.28 3.19 -4.24
N CYS C 128 25.88 3.12 -2.98
CA CYS C 128 26.43 2.09 -2.09
C CYS C 128 25.88 0.71 -2.42
N CYS C 129 24.60 0.62 -2.76
CA CYS C 129 24.07 -0.68 -3.16
C CYS C 129 24.76 -1.19 -4.41
N ALA C 130 25.01 -0.31 -5.38
CA ALA C 130 25.73 -0.74 -6.58
C ALA C 130 27.16 -1.16 -6.25
N ALA C 131 27.88 -0.34 -5.47
CA ALA C 131 29.31 -0.58 -5.27
C ALA C 131 29.58 -1.76 -4.35
N PHE C 132 28.85 -1.85 -3.23
CA PHE C 132 29.04 -2.95 -2.29
C PHE C 132 28.17 -4.15 -2.60
N GLY C 133 27.02 -3.92 -3.22
CA GLY C 133 26.05 -4.99 -3.46
C GLY C 133 26.27 -5.78 -4.74
N ALA C 134 26.70 -5.14 -5.83
CA ALA C 134 26.99 -5.95 -7.02
C ALA C 134 28.01 -7.05 -6.73
N PRO C 135 29.08 -6.81 -5.97
CA PRO C 135 29.97 -7.93 -5.63
C PRO C 135 29.29 -9.01 -4.81
N MET C 136 28.32 -8.66 -3.96
CA MET C 136 27.56 -9.67 -3.24
C MET C 136 26.80 -10.56 -4.21
N ALA C 137 26.09 -9.95 -5.16
CA ALA C 137 25.35 -10.74 -6.15
C ALA C 137 26.30 -11.64 -6.93
N ASP C 138 27.48 -11.14 -7.28
CA ASP C 138 28.48 -11.94 -7.98
C ASP C 138 28.89 -13.16 -7.16
N ARG C 139 29.05 -12.98 -5.85
CA ARG C 139 29.46 -14.10 -5.01
C ARG C 139 28.29 -14.94 -4.54
N ARG C 140 27.06 -14.54 -4.89
CA ARG C 140 25.85 -15.31 -4.64
C ARG C 140 25.45 -15.34 -3.18
N ARG C 141 25.76 -14.28 -2.43
CA ARG C 141 25.31 -14.21 -1.04
C ARG C 141 25.39 -12.77 -0.51
N GLY C 142 24.48 -12.45 0.38
CA GLY C 142 24.54 -11.15 1.04
C GLY C 142 23.19 -10.72 1.51
N SER C 143 23.19 -9.73 2.41
CA SER C 143 21.95 -9.16 2.90
C SER C 143 22.15 -7.65 3.01
N ILE C 144 21.23 -6.91 2.41
CA ILE C 144 21.30 -5.45 2.37
C ILE C 144 20.07 -4.90 3.08
N VAL C 145 20.29 -3.96 3.99
CA VAL C 145 19.19 -3.26 4.68
C VAL C 145 19.33 -1.77 4.44
N ASN C 146 18.34 -1.19 3.81
CA ASN C 146 18.30 0.27 3.60
C ASN C 146 17.46 0.90 4.69
N ILE C 147 17.70 2.18 4.95
CA ILE C 147 16.92 2.95 5.91
C ILE C 147 16.05 3.93 5.12
N ALA C 148 14.74 3.71 5.14
CA ALA C 148 13.80 4.65 4.54
C ALA C 148 13.26 5.55 5.65
N SER C 149 11.94 5.69 5.80
CA SER C 149 11.31 6.54 6.81
C SER C 149 9.82 6.43 6.61
N VAL C 150 9.06 6.57 7.70
CA VAL C 150 7.63 6.74 7.55
C VAL C 150 7.31 7.95 6.68
N ALA C 151 8.22 8.92 6.56
CA ALA C 151 7.94 10.08 5.73
C ALA C 151 7.93 9.73 4.25
N GLY C 152 8.48 8.58 3.90
CA GLY C 152 8.38 8.06 2.55
C GLY C 152 7.10 7.29 2.27
N MET C 153 6.18 7.23 3.25
CA MET C 153 4.99 6.41 3.19
C MET C 153 3.70 7.21 3.32
N ARG C 154 3.77 8.45 3.78
CA ARG C 154 2.59 9.28 3.99
C ARG C 154 2.94 10.72 3.65
N SER C 155 1.91 11.54 3.55
CA SER C 155 2.10 12.97 3.31
C SER C 155 2.77 13.68 4.49
N GLY C 156 3.47 14.77 4.20
CA GLY C 156 4.04 15.63 5.20
C GLY C 156 4.77 16.76 4.50
N PRO C 157 5.33 17.72 5.25
CA PRO C 157 5.94 18.93 4.68
C PRO C 157 7.39 18.71 4.26
N LEU C 158 7.63 17.62 3.54
CA LEU C 158 8.98 17.12 3.23
CA LEU C 158 8.98 17.13 3.24
C LEU C 158 9.04 16.80 1.74
N HIS C 159 9.09 17.85 0.91
CA HIS C 159 8.93 17.65 -0.53
C HIS C 159 10.16 17.08 -1.19
N ALA C 160 11.30 17.02 -0.50
CA ALA C 160 12.45 16.29 -0.98
C ALA C 160 12.62 14.97 -0.24
N TYR C 161 12.53 15.02 1.08
CA TYR C 161 12.82 13.86 1.92
C TYR C 161 11.78 12.75 1.76
N GLY C 162 10.49 13.10 1.72
CA GLY C 162 9.46 12.12 1.44
C GLY C 162 9.72 11.37 0.14
N PRO C 163 9.86 12.11 -0.98
CA PRO C 163 10.11 11.41 -2.25
C PRO C 163 11.37 10.59 -2.27
N ALA C 164 12.45 11.08 -1.62
CA ALA C 164 13.70 10.32 -1.62
C ALA C 164 13.54 9.04 -0.84
N LYS C 165 12.85 9.10 0.30
CA LYS C 165 12.65 7.89 1.11
C LYS C 165 11.66 6.94 0.48
N ALA C 166 10.66 7.45 -0.25
CA ALA C 166 9.83 6.57 -1.05
C ALA C 166 10.67 5.92 -2.14
N GLY C 167 11.63 6.66 -2.68
CA GLY C 167 12.55 6.08 -3.64
C GLY C 167 13.32 4.91 -3.06
N VAL C 168 13.70 5.02 -1.79
CA VAL C 168 14.47 3.96 -1.14
C VAL C 168 13.61 2.72 -0.95
N ILE C 169 12.32 2.90 -0.64
CA ILE C 169 11.45 1.75 -0.52
C ILE C 169 11.34 1.04 -1.87
N SER C 170 11.21 1.81 -2.95
CA SER C 170 11.13 1.24 -4.29
C SER C 170 12.40 0.51 -4.67
N LEU C 171 13.54 1.20 -4.53
CA LEU C 171 14.84 0.61 -4.86
C LEU C 171 15.06 -0.68 -4.07
N THR C 172 14.58 -0.72 -2.83
CA THR C 172 14.66 -1.97 -2.09
C THR C 172 13.94 -3.09 -2.82
N GLU C 173 12.75 -2.78 -3.35
CA GLU C 173 11.99 -3.78 -4.10
C GLU C 173 12.65 -4.12 -5.43
N THR C 174 13.17 -3.13 -6.15
CA THR C 174 13.74 -3.43 -7.45
C THR C 174 14.98 -4.29 -7.30
N LEU C 175 15.87 -3.92 -6.38
CA LEU C 175 17.06 -4.72 -6.14
C LEU C 175 16.72 -6.11 -5.59
N ALA C 176 15.72 -6.22 -4.73
CA ALA C 176 15.35 -7.54 -4.26
C ALA C 176 14.97 -8.45 -5.42
N GLY C 177 14.31 -7.91 -6.43
CA GLY C 177 13.98 -8.74 -7.57
C GLY C 177 15.19 -9.04 -8.44
N GLU C 178 16.05 -8.04 -8.62
CA GLU C 178 17.22 -8.25 -9.47
C GLU C 178 18.14 -9.31 -8.88
N TRP C 179 18.32 -9.30 -7.56
CA TRP C 179 19.38 -10.08 -6.93
C TRP C 179 18.87 -11.26 -6.13
N GLY C 180 17.56 -11.37 -5.96
CA GLY C 180 16.97 -12.54 -5.35
C GLY C 180 17.43 -13.86 -5.95
N PRO C 181 17.43 -13.96 -7.29
CA PRO C 181 17.91 -15.20 -7.92
C PRO C 181 19.40 -15.45 -7.71
N LYS C 182 20.15 -14.46 -7.24
CA LYS C 182 21.54 -14.64 -6.90
C LYS C 182 21.76 -14.78 -5.41
N GLY C 183 20.69 -14.92 -4.64
CA GLY C 183 20.80 -15.23 -3.24
C GLY C 183 21.02 -14.04 -2.31
N VAL C 184 20.86 -12.82 -2.81
CA VAL C 184 21.05 -11.63 -1.99
C VAL C 184 19.67 -11.10 -1.58
N ARG C 185 19.46 -10.92 -0.27
CA ARG C 185 18.21 -10.37 0.22
C ARG C 185 18.38 -8.87 0.39
N VAL C 186 17.33 -8.11 0.06
CA VAL C 186 17.36 -6.65 0.18
C VAL C 186 16.05 -6.24 0.85
N ASN C 187 16.14 -5.54 1.97
CA ASN C 187 14.98 -5.13 2.76
C ASN C 187 15.22 -3.71 3.24
N CYS C 188 14.20 -3.11 3.83
CA CYS C 188 14.38 -1.78 4.37
CA CYS C 188 14.24 -1.73 4.27
C CYS C 188 13.56 -1.61 5.64
N VAL C 189 14.06 -0.70 6.49
CA VAL C 189 13.42 -0.34 7.76
C VAL C 189 12.98 1.11 7.63
N SER C 190 11.71 1.40 7.96
CA SER C 190 11.24 2.79 7.92
C SER C 190 11.08 3.31 9.33
N PRO C 191 12.06 4.02 9.88
CA PRO C 191 11.89 4.57 11.22
C PRO C 191 10.79 5.61 11.25
N GLY C 192 10.11 5.67 12.39
CA GLY C 192 9.38 6.85 12.77
C GLY C 192 10.33 7.87 13.35
N PHE C 193 9.80 8.71 14.23
CA PHE C 193 10.64 9.71 14.91
C PHE C 193 11.54 9.02 15.90
N THR C 194 12.85 9.12 15.67
CA THR C 194 13.85 8.35 16.39
C THR C 194 14.83 9.30 17.04
N GLN C 195 15.17 9.02 18.30
CA GLN C 195 16.02 9.88 19.12
C GLN C 195 17.46 9.77 18.62
N THR C 196 17.90 10.80 17.89
CA THR C 196 19.27 10.88 17.38
C THR C 196 19.68 12.34 17.44
N PRO C 197 20.96 12.68 17.20
CA PRO C 197 21.33 14.10 17.10
C PRO C 197 20.56 14.85 16.03
N ALA C 198 20.16 14.17 14.95
CA ALA C 198 19.36 14.82 13.91
C ALA C 198 17.99 15.24 14.43
N LEU C 199 17.34 14.38 15.22
CA LEU C 199 16.08 14.76 15.83
C LEU C 199 16.28 15.88 16.84
N GLU C 200 17.38 15.83 17.60
CA GLU C 200 17.66 16.89 18.55
C GLU C 200 17.82 18.25 17.86
N ARG C 201 18.41 18.25 16.66
CA ARG C 201 18.50 19.49 15.90
C ARG C 201 17.12 20.01 15.53
N GLY C 202 16.16 19.11 15.31
CA GLY C 202 14.79 19.55 15.07
C GLY C 202 14.16 20.19 16.29
N PHE C 203 14.48 19.67 17.48
CA PHE C 203 14.01 20.29 18.72
C PHE C 203 14.69 21.64 18.93
N THR C 204 16.00 21.73 18.73
CA THR C 204 16.72 22.97 18.96
C THR C 204 16.23 24.08 18.04
N THR C 205 16.02 23.78 16.76
CA THR C 205 15.49 24.75 15.82
C THR C 205 13.99 24.96 15.99
N HIS C 206 13.34 24.23 16.91
CA HIS C 206 11.90 24.29 17.11
C HIS C 206 11.12 23.91 15.85
N THR C 207 11.76 23.11 14.99
CA THR C 207 11.05 22.48 13.87
C THR C 207 10.11 21.39 14.37
N LEU C 208 10.45 20.74 15.46
CA LEU C 208 9.65 19.68 16.04
C LEU C 208 9.54 19.89 17.54
N LYS C 209 8.52 19.29 18.14
CA LYS C 209 8.27 19.33 19.58
C LYS C 209 8.09 17.91 20.09
N ALA C 210 8.86 17.54 21.12
CA ALA C 210 8.92 16.14 21.53
C ALA C 210 7.56 15.61 21.97
N ASP C 211 6.79 16.40 22.73
CA ASP C 211 5.48 15.91 23.18
C ASP C 211 4.53 15.73 22.00
N VAL C 212 4.66 16.57 20.97
CA VAL C 212 3.85 16.40 19.77
C VAL C 212 4.19 15.10 19.06
N LEU C 213 5.47 14.73 19.00
CA LEU C 213 5.85 13.46 18.38
C LEU C 213 5.34 12.27 19.17
N ARG C 214 5.43 12.32 20.51
CA ARG C 214 4.85 11.23 21.30
C ARG C 214 3.36 11.10 21.08
N ASP C 215 2.65 12.24 21.09
CA ASP C 215 1.21 12.21 20.90
C ASP C 215 0.82 11.67 19.54
N ALA C 216 1.70 11.80 18.54
CA ALA C 216 1.41 11.33 17.19
C ALA C 216 1.68 9.85 16.99
N ALA C 217 2.08 9.12 18.02
CA ALA C 217 2.35 7.68 17.92
C ALA C 217 1.37 6.92 18.81
N ALA C 218 0.85 5.80 18.29
CA ALA C 218 -0.09 5.01 19.09
C ALA C 218 0.50 4.54 20.42
N LEU C 219 1.81 4.22 20.48
CA LEU C 219 2.42 3.80 21.74
C LEU C 219 2.86 4.97 22.62
N GLY C 220 2.77 6.20 22.13
CA GLY C 220 3.14 7.35 22.95
C GLY C 220 4.62 7.52 23.21
N HIS C 221 5.47 7.00 22.33
CA HIS C 221 6.92 7.08 22.51
C HIS C 221 7.59 7.64 21.27
N ILE C 222 8.76 8.24 21.47
CA ILE C 222 9.76 8.44 20.42
C ILE C 222 10.60 7.16 20.33
N VAL C 223 10.90 6.72 19.12
CA VAL C 223 11.64 5.47 18.92
C VAL C 223 13.11 5.68 19.27
N SER C 224 13.73 4.68 19.88
CA SER C 224 15.15 4.80 20.17
C SER C 224 15.98 4.24 19.00
N ALA C 225 17.21 4.77 18.89
CA ALA C 225 18.10 4.28 17.85
C ALA C 225 18.33 2.78 17.98
N ASN C 226 18.43 2.28 19.22
CA ASN C 226 18.60 0.84 19.42
CA ASN C 226 18.61 0.84 19.41
C ASN C 226 17.42 0.04 18.90
N GLU C 227 16.20 0.58 19.04
CA GLU C 227 15.02 -0.12 18.56
C GLU C 227 15.06 -0.27 17.05
N ILE C 228 15.50 0.78 16.34
CA ILE C 228 15.72 0.66 14.90
C ILE C 228 16.76 -0.41 14.63
N ALA C 229 17.86 -0.40 15.41
CA ALA C 229 18.94 -1.35 15.13
C ALA C 229 18.47 -2.79 15.29
N GLU C 230 17.55 -3.06 16.23
CA GLU C 230 17.07 -4.43 16.40
C GLU C 230 16.38 -4.91 15.14
N ALA C 231 15.61 -4.04 14.49
CA ALA C 231 14.90 -4.45 13.28
C ALA C 231 15.87 -4.64 12.12
N VAL C 232 16.86 -3.75 12.02
CA VAL C 232 17.91 -3.89 11.02
C VAL C 232 18.65 -5.21 11.20
N VAL C 233 19.01 -5.53 12.44
CA VAL C 233 19.79 -6.73 12.68
C VAL C 233 18.97 -7.98 12.43
N PHE C 234 17.68 -7.97 12.81
CA PHE C 234 16.82 -9.10 12.49
C PHE C 234 16.81 -9.36 10.98
N LEU C 235 16.55 -8.32 10.18
CA LEU C 235 16.47 -8.47 8.73
C LEU C 235 17.83 -8.86 8.11
N ALA C 236 18.92 -8.32 8.64
CA ALA C 236 20.25 -8.67 8.13
C ALA C 236 20.63 -10.12 8.43
N SER C 237 20.05 -10.72 9.46
CA SER C 237 20.47 -12.00 9.99
C SER C 237 19.76 -13.15 9.29
N GLU C 238 20.29 -14.36 9.52
CA GLU C 238 19.68 -15.57 8.98
CA GLU C 238 19.66 -15.55 8.95
C GLU C 238 18.33 -15.89 9.60
N ARG C 239 17.94 -15.20 10.69
CA ARG C 239 16.59 -15.40 11.21
C ARG C 239 15.55 -14.86 10.22
N ALA C 240 15.99 -14.04 9.28
CA ALA C 240 15.13 -13.49 8.24
C ALA C 240 15.44 -14.07 6.86
N SER C 241 15.94 -15.32 6.81
CA SER C 241 16.38 -15.95 5.58
C SER C 241 15.31 -16.06 4.49
N ALA C 242 14.02 -15.97 4.84
CA ALA C 242 12.97 -15.99 3.82
C ALA C 242 12.36 -14.62 3.56
N ILE C 243 12.93 -13.56 4.12
CA ILE C 243 12.36 -12.22 3.99
C ILE C 243 13.19 -11.43 2.99
N THR C 244 12.57 -10.98 1.90
CA THR C 244 13.23 -10.05 1.00
C THR C 244 12.20 -9.14 0.36
N GLY C 245 12.64 -7.94 -0.01
CA GLY C 245 11.76 -7.00 -0.67
C GLY C 245 10.76 -6.32 0.25
N VAL C 246 11.01 -6.30 1.54
CA VAL C 246 10.01 -5.77 2.46
C VAL C 246 10.45 -4.44 3.05
N ASN C 247 9.46 -3.67 3.48
CA ASN C 247 9.65 -2.42 4.22
C ASN C 247 9.03 -2.62 5.59
N LEU C 248 9.86 -2.60 6.64
CA LEU C 248 9.42 -2.80 8.02
C LEU C 248 9.38 -1.49 8.77
N PRO C 249 8.19 -0.93 9.06
CA PRO C 249 8.13 0.31 9.85
C PRO C 249 8.40 0.06 11.32
N VAL C 250 9.24 0.91 11.91
CA VAL C 250 9.58 0.84 13.33
C VAL C 250 9.30 2.25 13.85
N ASP C 251 8.09 2.50 14.28
CA ASP C 251 7.62 3.88 14.38
C ASP C 251 6.76 4.15 15.59
N ALA C 252 6.69 3.21 16.56
CA ALA C 252 5.84 3.33 17.75
C ALA C 252 4.38 3.59 17.40
N GLY C 253 3.96 3.20 16.19
CA GLY C 253 2.57 3.41 15.80
C GLY C 253 2.22 4.78 15.28
N TYR C 254 3.21 5.55 14.81
CA TYR C 254 2.91 6.79 14.09
C TYR C 254 1.95 6.57 12.92
N LEU C 255 2.23 5.56 12.06
CA LEU C 255 1.39 5.34 10.88
C LEU C 255 -0.05 4.99 11.27
N ILE C 256 -0.25 4.41 12.45
CA ILE C 256 -1.56 3.99 12.96
C ILE C 256 -2.36 5.16 13.50
N ALA C 257 -1.70 6.15 14.12
CA ALA C 257 -2.41 7.09 14.97
C ALA C 257 -3.12 8.21 14.21
N GLY C 258 -2.58 8.64 13.08
CA GLY C 258 -3.11 9.84 12.42
C GLY C 258 -4.58 9.72 12.04
N SER C 259 -5.02 8.51 11.72
CA SER C 259 -6.38 8.33 11.23
C SER C 259 -7.41 8.34 12.31
N TRP C 260 -7.00 8.41 13.58
CA TRP C 260 -7.96 8.44 14.69
C TRP C 260 -8.55 9.81 14.94
N ALA C 261 -7.93 10.89 14.46
CA ALA C 261 -8.41 12.23 14.79
C ALA C 261 -9.87 12.43 14.41
N ALA C 262 -10.29 11.88 13.26
CA ALA C 262 -11.66 12.04 12.84
C ALA C 262 -12.66 11.44 13.83
N TYR C 263 -12.23 10.47 14.64
CA TYR C 263 -13.05 9.81 15.64
C TYR C 263 -12.81 10.33 17.04
N GLY C 264 -12.18 11.50 17.17
CA GLY C 264 -11.89 12.05 18.47
C GLY C 264 -10.49 11.80 18.96
N GLY C 265 -9.65 11.13 18.17
CA GLY C 265 -8.26 10.88 18.54
C GLY C 265 -8.09 9.57 19.26
N LEU C 266 -6.82 9.29 19.56
CA LEU C 266 -6.47 8.10 20.35
C LEU C 266 -7.14 8.15 21.70
N ARG C 267 -7.50 6.97 22.20
CA ARG C 267 -8.21 6.83 23.47
C ARG C 267 -7.17 6.62 24.58
N ARG C 268 -6.73 7.72 25.18
CA ARG C 268 -5.62 7.64 26.13
C ARG C 268 -6.07 7.69 27.59
N ALA D 11 18.44 -22.17 21.65
CA ALA D 11 17.53 -21.84 22.74
C ALA D 11 17.90 -20.49 23.34
N SER D 12 16.93 -19.86 24.00
CA SER D 12 17.14 -18.57 24.64
C SER D 12 16.24 -18.47 25.86
N ALA D 13 16.47 -17.41 26.64
CA ALA D 13 15.62 -17.06 27.77
C ALA D 13 14.78 -15.82 27.47
N GLU D 14 14.63 -15.48 26.19
CA GLU D 14 13.96 -14.23 25.80
C GLU D 14 12.52 -14.14 26.31
N PHE D 15 11.83 -15.27 26.43
CA PHE D 15 10.46 -15.28 26.90
C PHE D 15 10.29 -16.01 28.24
N ASN D 16 11.36 -16.11 29.04
CA ASN D 16 11.23 -16.75 30.36
C ASN D 16 10.14 -16.04 31.15
N GLY D 17 9.19 -16.81 31.67
CA GLY D 17 8.14 -16.27 32.49
C GLY D 17 6.89 -15.84 31.74
N ALA D 18 6.92 -15.86 30.40
CA ALA D 18 5.82 -15.34 29.61
C ALA D 18 4.82 -16.45 29.31
N ILE D 19 3.56 -16.11 29.42
CA ILE D 19 2.48 -17.01 28.99
C ILE D 19 2.16 -16.69 27.54
N ALA D 20 2.34 -17.66 26.64
CA ALA D 20 2.10 -17.47 25.22
C ALA D 20 1.05 -18.45 24.75
N VAL D 21 -0.09 -17.92 24.30
CA VAL D 21 -1.15 -18.75 23.72
C VAL D 21 -0.98 -18.74 22.21
N VAL D 22 -0.87 -19.94 21.62
CA VAL D 22 -0.76 -20.09 20.18
C VAL D 22 -1.97 -20.89 19.71
N THR D 23 -2.87 -20.25 18.95
CA THR D 23 -3.96 -20.99 18.33
C THR D 23 -3.50 -21.69 17.06
N GLY D 24 -4.14 -22.80 16.73
CA GLY D 24 -3.67 -23.61 15.62
C GLY D 24 -2.33 -24.27 15.86
N ALA D 25 -1.98 -24.51 17.13
CA ALA D 25 -0.62 -24.91 17.45
C ALA D 25 -0.34 -26.39 17.21
N GLY D 26 -1.33 -27.17 16.78
CA GLY D 26 -1.09 -28.58 16.53
C GLY D 26 -0.37 -28.90 15.24
N SER D 27 -0.20 -27.94 14.32
CA SER D 27 0.39 -28.28 13.04
CA SER D 27 0.35 -28.27 13.01
C SER D 27 0.95 -27.03 12.38
N GLY D 28 1.78 -27.25 11.38
CA GLY D 28 2.19 -26.17 10.48
C GLY D 28 2.80 -24.96 11.16
N ILE D 29 2.29 -23.77 10.80
CA ILE D 29 2.86 -22.53 11.32
C ILE D 29 2.70 -22.44 12.83
N GLY D 30 1.52 -22.81 13.35
CA GLY D 30 1.29 -22.68 14.78
C GLY D 30 2.17 -23.61 15.58
N ARG D 31 2.43 -24.81 15.05
CA ARG D 31 3.37 -25.72 15.70
C ARG D 31 4.76 -25.11 15.76
N ALA D 32 5.22 -24.54 14.65
CA ALA D 32 6.56 -23.97 14.63
C ALA D 32 6.68 -22.81 15.59
N CYS D 33 5.63 -21.99 15.69
CA CYS D 33 5.65 -20.89 16.66
C CYS D 33 5.68 -21.43 18.07
N ALA D 34 4.89 -22.47 18.35
CA ALA D 34 4.91 -23.05 19.69
C ALA D 34 6.28 -23.59 20.02
N GLU D 35 6.92 -24.26 19.05
CA GLU D 35 8.26 -24.82 19.27
C GLU D 35 9.28 -23.72 19.54
N LEU D 36 9.29 -22.68 18.71
CA LEU D 36 10.27 -21.61 18.89
C LEU D 36 10.01 -20.82 20.18
N LEU D 37 8.75 -20.52 20.49
CA LEU D 37 8.45 -19.82 21.74
C LEU D 37 8.91 -20.64 22.94
N SER D 38 8.66 -21.96 22.93
CA SER D 38 9.11 -22.82 24.01
C SER D 38 10.64 -22.84 24.12
N ARG D 39 11.32 -22.91 22.97
CA ARG D 39 12.78 -22.92 23.02
C ARG D 39 13.33 -21.59 23.46
N SER D 40 12.53 -20.53 23.37
CA SER D 40 12.88 -19.19 23.81
C SER D 40 12.44 -18.94 25.25
N GLY D 41 11.96 -19.97 25.94
CA GLY D 41 11.66 -19.89 27.37
C GLY D 41 10.21 -19.67 27.74
N ALA D 42 9.32 -19.49 26.76
CA ALA D 42 7.93 -19.18 27.10
C ALA D 42 7.22 -20.40 27.66
N ASN D 43 6.19 -20.14 28.46
CA ASN D 43 5.24 -21.16 28.84
C ASN D 43 4.15 -21.14 27.77
N VAL D 44 4.20 -22.12 26.85
CA VAL D 44 3.32 -22.13 25.68
C VAL D 44 2.03 -22.88 25.98
N ILE D 45 0.91 -22.24 25.64
CA ILE D 45 -0.41 -22.87 25.66
C ILE D 45 -0.68 -23.27 24.23
N VAL D 46 -0.74 -24.58 24.00
CA VAL D 46 -0.87 -25.17 22.66
C VAL D 46 -2.35 -25.35 22.40
N ALA D 47 -2.96 -24.43 21.67
CA ALA D 47 -4.41 -24.38 21.54
C ALA D 47 -4.81 -24.83 20.13
N ASP D 48 -5.74 -25.78 20.05
CA ASP D 48 -6.14 -26.32 18.76
C ASP D 48 -7.48 -27.01 18.91
N ARG D 49 -8.19 -27.16 17.80
CA ARG D 49 -9.39 -27.97 17.85
C ARG D 49 -9.07 -29.46 17.83
N ASP D 50 -7.86 -29.83 17.40
CA ASP D 50 -7.44 -31.21 17.23
C ASP D 50 -6.58 -31.55 18.45
N ILE D 51 -7.16 -32.30 19.40
CA ILE D 51 -6.46 -32.55 20.65
C ILE D 51 -5.29 -33.50 20.47
N GLU D 52 -5.41 -34.49 19.58
CA GLU D 52 -4.28 -35.38 19.31
C GLU D 52 -3.07 -34.59 18.84
N ALA D 53 -3.27 -33.71 17.86
CA ALA D 53 -2.18 -32.89 17.37
C ALA D 53 -1.64 -31.97 18.45
N ALA D 54 -2.54 -31.33 19.20
CA ALA D 54 -2.08 -30.43 20.26
C ALA D 54 -1.30 -31.19 21.31
N THR D 55 -1.74 -32.39 21.68
CA THR D 55 -1.03 -33.17 22.68
C THR D 55 0.37 -33.54 22.21
N ARG D 56 0.51 -33.94 20.94
CA ARG D 56 1.84 -34.24 20.41
C ARG D 56 2.77 -33.05 20.50
N VAL D 57 2.29 -31.87 20.11
CA VAL D 57 3.12 -30.67 20.17
C VAL D 57 3.44 -30.30 21.61
N ALA D 58 2.45 -30.38 22.51
CA ALA D 58 2.69 -30.01 23.91
C ALA D 58 3.72 -30.92 24.56
N ARG D 59 3.71 -32.22 24.23
CA ARG D 59 4.70 -33.13 24.79
C ARG D 59 6.10 -32.76 24.33
N ALA D 60 6.24 -32.35 23.08
CA ALA D 60 7.57 -32.02 22.56
C ALA D 60 8.07 -30.68 23.08
N THR D 61 7.18 -29.77 23.45
CA THR D 61 7.55 -28.42 23.84
C THR D 61 7.48 -28.18 25.33
N GLY D 62 6.98 -29.13 26.10
CA GLY D 62 6.72 -28.89 27.51
C GLY D 62 5.53 -27.98 27.77
N GLY D 63 4.76 -27.66 26.73
CA GLY D 63 3.64 -26.76 26.88
C GLY D 63 2.42 -27.46 27.45
N LYS D 64 1.30 -26.74 27.44
CA LYS D 64 0.04 -27.22 27.97
C LYS D 64 -0.99 -27.15 26.86
N THR D 65 -1.83 -28.17 26.76
CA THR D 65 -2.84 -28.17 25.70
C THR D 65 -4.08 -27.37 26.12
N LEU D 66 -4.74 -26.78 25.11
CA LEU D 66 -6.00 -26.10 25.30
C LEU D 66 -6.92 -26.43 24.13
N VAL D 67 -8.10 -26.98 24.41
CA VAL D 67 -9.05 -27.26 23.34
C VAL D 67 -9.74 -25.95 22.95
N LEU D 68 -9.71 -25.63 21.67
CA LEU D 68 -10.16 -24.33 21.18
C LEU D 68 -10.69 -24.49 19.76
N ASP D 69 -11.97 -24.20 19.53
CA ASP D 69 -12.54 -24.12 18.19
C ASP D 69 -12.85 -22.66 17.96
N VAL D 70 -12.04 -22.00 17.11
CA VAL D 70 -12.21 -20.57 16.89
C VAL D 70 -13.45 -20.23 16.10
N GLY D 71 -14.18 -21.22 15.61
CA GLY D 71 -15.44 -20.97 14.96
C GLY D 71 -16.63 -20.97 15.88
N GLU D 72 -16.40 -21.19 17.18
CA GLU D 72 -17.46 -21.36 18.17
C GLU D 72 -17.21 -20.36 19.28
N ASP D 73 -18.09 -19.36 19.40
CA ASP D 73 -17.94 -18.32 20.41
C ASP D 73 -17.77 -18.91 21.80
N ALA D 74 -18.61 -19.89 22.15
CA ALA D 74 -18.55 -20.47 23.49
C ALA D 74 -17.20 -21.13 23.74
N SER D 75 -16.61 -21.75 22.71
CA SER D 75 -15.30 -22.39 22.85
C SER D 75 -14.22 -21.37 23.16
N VAL D 76 -14.23 -20.24 22.45
CA VAL D 76 -13.18 -19.25 22.65
C VAL D 76 -13.31 -18.62 24.03
N THR D 77 -14.51 -18.22 24.41
CA THR D 77 -14.74 -17.67 25.73
C THR D 77 -14.30 -18.63 26.84
N ALA D 78 -14.68 -19.91 26.73
CA ALA D 78 -14.28 -20.87 27.75
C ALA D 78 -12.77 -21.04 27.79
N ALA D 79 -12.12 -21.10 26.63
CA ALA D 79 -10.66 -21.27 26.59
C ALA D 79 -9.96 -20.09 27.20
N ALA D 80 -10.43 -18.88 26.92
CA ALA D 80 -9.84 -17.69 27.52
C ALA D 80 -10.00 -17.70 29.04
N ASN D 81 -11.17 -18.10 29.54
CA ASN D 81 -11.37 -18.16 30.98
C ASN D 81 -10.49 -19.22 31.61
N GLU D 82 -10.31 -20.36 30.93
CA GLU D 82 -9.44 -21.40 31.47
C GLU D 82 -8.00 -20.92 31.58
N VAL D 83 -7.51 -20.21 30.57
CA VAL D 83 -6.14 -19.69 30.62
C VAL D 83 -5.99 -18.71 31.78
N ARG D 84 -6.96 -17.82 31.94
CA ARG D 84 -6.88 -16.83 33.01
C ARG D 84 -6.86 -17.50 34.38
N ALA D 85 -7.72 -18.51 34.57
CA ALA D 85 -7.82 -19.18 35.87
C ALA D 85 -6.60 -20.05 36.14
N ARG D 86 -6.13 -20.79 35.13
CA ARG D 86 -5.06 -21.76 35.39
C ARG D 86 -3.68 -21.11 35.36
N TYR D 87 -3.45 -20.17 34.46
CA TYR D 87 -2.12 -19.62 34.27
C TYR D 87 -2.02 -18.13 34.56
N GLY D 88 -2.96 -17.33 34.06
CA GLY D 88 -2.91 -15.89 34.18
C GLY D 88 -3.18 -15.23 32.84
N VAL D 89 -3.20 -13.89 32.87
CA VAL D 89 -3.35 -13.10 31.65
C VAL D 89 -2.22 -13.42 30.69
N ALA D 90 -2.57 -13.73 29.46
CA ALA D 90 -1.58 -14.03 28.44
C ALA D 90 -0.66 -12.82 28.23
N ASP D 91 0.64 -13.11 28.07
CA ASP D 91 1.60 -12.10 27.63
C ASP D 91 1.69 -12.00 26.11
N VAL D 92 1.46 -13.11 25.42
CA VAL D 92 1.59 -13.20 23.98
C VAL D 92 0.42 -14.03 23.47
N LEU D 93 -0.21 -13.58 22.37
CA LEU D 93 -1.21 -14.35 21.63
C LEU D 93 -0.78 -14.40 20.16
N VAL D 94 -0.73 -15.59 19.58
CA VAL D 94 -0.45 -15.78 18.16
C VAL D 94 -1.63 -16.52 17.54
N ASN D 95 -2.27 -15.90 16.54
CA ASN D 95 -3.47 -16.46 15.92
C ASN D 95 -3.09 -17.20 14.64
N CYS D 96 -2.83 -18.50 14.74
CA CYS D 96 -2.49 -19.32 13.57
C CYS D 96 -3.59 -20.26 13.10
N ALA D 97 -4.65 -20.48 13.89
CA ALA D 97 -5.74 -21.34 13.44
C ALA D 97 -6.31 -20.81 12.13
N GLY D 98 -6.47 -21.68 11.16
CA GLY D 98 -7.00 -21.23 9.88
C GLY D 98 -7.28 -22.42 8.99
N VAL D 99 -8.04 -22.14 7.92
CA VAL D 99 -8.33 -23.13 6.88
C VAL D 99 -8.14 -22.45 5.53
N LEU D 100 -7.88 -23.26 4.51
CA LEU D 100 -7.80 -22.79 3.14
C LEU D 100 -9.14 -23.01 2.43
N GLN D 101 -9.16 -22.77 1.12
CA GLN D 101 -10.34 -23.03 0.30
C GLN D 101 -9.88 -23.56 -1.05
N ARG D 102 -10.80 -24.22 -1.76
CA ARG D 102 -10.58 -24.57 -3.16
C ARG D 102 -10.58 -23.30 -3.99
N THR D 103 -9.72 -23.24 -5.01
CA THR D 103 -9.49 -22.02 -5.81
C THR D 103 -10.51 -21.85 -6.94
N LEU D 104 -11.76 -21.90 -6.61
CA LEU D 104 -12.85 -21.92 -7.58
C LEU D 104 -13.42 -20.53 -7.81
N PRO D 105 -13.89 -20.23 -9.03
CA PRO D 105 -14.47 -18.90 -9.31
C PRO D 105 -15.85 -18.77 -8.70
N PRO D 106 -16.40 -17.56 -8.61
CA PRO D 106 -17.74 -17.41 -8.02
C PRO D 106 -18.79 -18.18 -8.80
N GLY D 107 -19.69 -18.83 -8.06
CA GLY D 107 -20.67 -19.69 -8.69
C GLY D 107 -20.26 -21.14 -8.64
N GLU D 108 -18.99 -21.42 -8.91
CA GLU D 108 -18.47 -22.76 -8.69
C GLU D 108 -18.14 -22.96 -7.21
N LEU D 109 -17.57 -21.96 -6.57
CA LEU D 109 -17.30 -22.01 -5.13
C LEU D 109 -18.63 -22.02 -4.38
N ALA D 110 -18.85 -23.03 -3.55
CA ALA D 110 -20.08 -23.06 -2.75
C ALA D 110 -20.06 -21.93 -1.73
N GLN D 111 -21.19 -21.23 -1.59
CA GLN D 111 -21.29 -20.22 -0.53
C GLN D 111 -20.94 -20.78 0.84
N ARG D 112 -21.29 -22.04 1.11
CA ARG D 112 -20.93 -22.65 2.39
C ARG D 112 -19.42 -22.64 2.60
N GLU D 113 -18.66 -22.89 1.53
CA GLU D 113 -17.20 -22.85 1.61
C GLU D 113 -16.70 -21.44 1.86
N TRP D 114 -17.26 -20.46 1.14
CA TRP D 114 -16.91 -19.07 1.40
C TRP D 114 -17.15 -18.71 2.86
N ASP D 115 -18.32 -19.07 3.39
CA ASP D 115 -18.66 -18.76 4.78
C ASP D 115 -17.67 -19.39 5.78
N VAL D 116 -17.29 -20.64 5.59
CA VAL D 116 -16.41 -21.29 6.58
C VAL D 116 -15.07 -20.56 6.65
N VAL D 117 -14.53 -20.20 5.48
CA VAL D 117 -13.24 -19.51 5.45
C VAL D 117 -13.33 -18.18 6.18
N SER D 118 -14.38 -17.39 5.92
CA SER D 118 -14.52 -16.12 6.60
C SER D 118 -14.66 -16.32 8.11
N ARG D 119 -15.45 -17.34 8.52
CA ARG D 119 -15.74 -17.54 9.94
C ARG D 119 -14.50 -17.95 10.72
N ILE D 120 -13.68 -18.86 10.16
CA ILE D 120 -12.51 -19.31 10.89
C ILE D 120 -11.37 -18.29 10.79
N ASP D 121 -11.10 -17.79 9.58
CA ASP D 121 -9.85 -17.07 9.37
C ASP D 121 -9.93 -15.62 9.83
N LEU D 122 -11.05 -14.95 9.61
CA LEU D 122 -11.19 -13.57 10.08
C LEU D 122 -11.90 -13.52 11.42
N ARG D 123 -13.14 -14.02 11.47
CA ARG D 123 -13.95 -13.92 12.68
C ARG D 123 -13.30 -14.66 13.84
N GLY D 124 -12.71 -15.84 13.57
CA GLY D 124 -12.05 -16.58 14.63
C GLY D 124 -10.85 -15.85 15.20
N THR D 125 -10.09 -15.16 14.34
CA THR D 125 -9.02 -14.31 14.85
C THR D 125 -9.58 -13.14 15.67
N TYR D 126 -10.68 -12.51 15.23
CA TYR D 126 -11.30 -11.48 16.05
C TYR D 126 -11.75 -12.04 17.40
N LEU D 127 -12.43 -13.20 17.40
CA LEU D 127 -12.87 -13.77 18.67
C LEU D 127 -11.71 -13.92 19.64
N CYS D 128 -10.58 -14.44 19.17
CA CYS D 128 -9.46 -14.67 20.06
C CYS D 128 -8.80 -13.37 20.49
N CYS D 129 -8.69 -12.40 19.59
CA CYS D 129 -8.15 -11.10 19.98
C CYS D 129 -9.03 -10.46 21.05
N ALA D 130 -10.35 -10.55 20.90
CA ALA D 130 -11.23 -9.97 21.91
C ALA D 130 -11.13 -10.72 23.24
N ALA D 131 -11.11 -12.05 23.19
CA ALA D 131 -11.16 -12.83 24.43
C ALA D 131 -9.83 -12.84 25.19
N PHE D 132 -8.73 -13.07 24.47
CA PHE D 132 -7.42 -13.11 25.10
C PHE D 132 -6.78 -11.74 25.20
N GLY D 133 -7.14 -10.82 24.30
CA GLY D 133 -6.46 -9.54 24.21
C GLY D 133 -7.08 -8.42 25.03
N ALA D 134 -8.41 -8.41 25.18
CA ALA D 134 -8.99 -7.39 26.05
C ALA D 134 -8.41 -7.47 27.46
N PRO D 135 -8.21 -8.65 28.07
CA PRO D 135 -7.54 -8.68 29.37
C PRO D 135 -6.12 -8.16 29.33
N MET D 136 -5.42 -8.32 28.20
CA MET D 136 -4.09 -7.75 28.09
C MET D 136 -4.14 -6.23 28.14
N ALA D 137 -5.06 -5.63 27.39
CA ALA D 137 -5.22 -4.19 27.44
C ALA D 137 -5.58 -3.72 28.85
N ASP D 138 -6.44 -4.46 29.56
CA ASP D 138 -6.76 -4.11 30.94
C ASP D 138 -5.52 -4.14 31.82
N ARG D 139 -4.67 -5.14 31.61
CA ARG D 139 -3.45 -5.32 32.38
C ARG D 139 -2.36 -4.34 31.95
N ARG D 140 -2.52 -3.69 30.79
CA ARG D 140 -1.60 -2.68 30.28
C ARG D 140 -0.30 -3.25 29.73
N ARG D 141 -0.33 -4.48 29.21
CA ARG D 141 0.86 -5.05 28.58
C ARG D 141 0.47 -6.28 27.77
N GLY D 142 1.15 -6.49 26.67
CA GLY D 142 0.91 -7.68 25.87
C GLY D 142 1.41 -7.48 24.46
N SER D 143 1.55 -8.60 23.76
CA SER D 143 1.88 -8.55 22.33
C SER D 143 1.06 -9.59 21.61
N ILE D 144 0.41 -9.18 20.52
CA ILE D 144 -0.45 -10.06 19.72
C ILE D 144 0.11 -10.11 18.31
N VAL D 145 0.25 -11.31 17.76
CA VAL D 145 0.66 -11.49 16.38
C VAL D 145 -0.39 -12.29 15.64
N ASN D 146 -0.99 -11.70 14.62
CA ASN D 146 -1.94 -12.41 13.77
C ASN D 146 -1.22 -12.98 12.56
N ILE D 147 -1.83 -13.98 11.94
CA ILE D 147 -1.27 -14.58 10.72
C ILE D 147 -2.21 -14.21 9.59
N ALA D 148 -1.73 -13.37 8.68
CA ALA D 148 -2.48 -13.03 7.47
C ALA D 148 -1.97 -13.92 6.33
N SER D 149 -1.63 -13.36 5.17
CA SER D 149 -1.15 -14.10 4.01
C SER D 149 -0.83 -13.11 2.91
N VAL D 150 0.13 -13.42 2.04
CA VAL D 150 0.27 -12.63 0.83
C VAL D 150 -1.00 -12.62 0.02
N ALA D 151 -1.85 -13.64 0.18
CA ALA D 151 -3.09 -13.67 -0.58
C ALA D 151 -4.04 -12.57 -0.12
N GLY D 152 -3.79 -11.97 1.04
CA GLY D 152 -4.56 -10.84 1.52
C GLY D 152 -4.05 -9.52 1.00
N MET D 153 -3.00 -9.56 0.15
CA MET D 153 -2.32 -8.37 -0.31
C MET D 153 -2.34 -8.20 -1.82
N ARG D 154 -2.69 -9.24 -2.57
CA ARG D 154 -2.68 -9.20 -4.02
C ARG D 154 -3.82 -10.05 -4.53
N SER D 155 -4.12 -9.90 -5.83
CA SER D 155 -5.14 -10.70 -6.49
C SER D 155 -4.75 -12.18 -6.54
N GLY D 156 -5.76 -13.04 -6.63
CA GLY D 156 -5.59 -14.46 -6.78
C GLY D 156 -6.96 -15.11 -6.79
N PRO D 157 -7.04 -16.39 -7.04
CA PRO D 157 -8.32 -17.08 -7.19
C PRO D 157 -8.91 -17.53 -5.86
N LEU D 158 -8.89 -16.64 -4.87
CA LEU D 158 -9.24 -16.96 -3.49
CA LEU D 158 -9.23 -16.96 -3.49
C LEU D 158 -10.23 -15.91 -3.01
N HIS D 159 -11.49 -16.05 -3.44
CA HIS D 159 -12.46 -14.99 -3.21
C HIS D 159 -13.02 -14.97 -1.80
N ALA D 160 -12.74 -16.00 -0.99
CA ALA D 160 -13.01 -15.91 0.44
C ALA D 160 -11.73 -15.68 1.22
N TYR D 161 -10.67 -16.44 0.92
CA TYR D 161 -9.46 -16.42 1.72
C TYR D 161 -8.74 -15.09 1.57
N GLY D 162 -8.67 -14.55 0.35
CA GLY D 162 -8.05 -13.26 0.13
C GLY D 162 -8.70 -12.18 1.00
N PRO D 163 -10.01 -11.98 0.84
CA PRO D 163 -10.68 -10.96 1.67
C PRO D 163 -10.56 -11.19 3.16
N ALA D 164 -10.61 -12.46 3.60
CA ALA D 164 -10.49 -12.73 5.04
C ALA D 164 -9.11 -12.34 5.53
N LYS D 165 -8.07 -12.66 4.75
CA LYS D 165 -6.71 -12.33 5.18
C LYS D 165 -6.43 -10.84 5.08
N ALA D 166 -7.04 -10.15 4.09
CA ALA D 166 -6.99 -8.70 4.07
C ALA D 166 -7.69 -8.12 5.30
N GLY D 167 -8.77 -8.77 5.75
CA GLY D 167 -9.42 -8.34 6.97
C GLY D 167 -8.52 -8.48 8.19
N VAL D 168 -7.66 -9.50 8.19
CA VAL D 168 -6.75 -9.70 9.31
C VAL D 168 -5.71 -8.61 9.34
N ILE D 169 -5.22 -8.21 8.16
CA ILE D 169 -4.28 -7.09 8.09
C ILE D 169 -4.94 -5.83 8.67
N SER D 170 -6.17 -5.55 8.25
CA SER D 170 -6.91 -4.39 8.77
C SER D 170 -7.11 -4.45 10.27
N LEU D 171 -7.61 -5.60 10.76
CA LEU D 171 -7.92 -5.74 12.18
C LEU D 171 -6.65 -5.58 13.01
N THR D 172 -5.52 -5.99 12.46
CA THR D 172 -4.25 -5.75 13.14
C THR D 172 -4.00 -4.26 13.32
N GLU D 173 -4.30 -3.46 12.29
CA GLU D 173 -4.18 -2.01 12.39
C GLU D 173 -5.19 -1.40 13.34
N THR D 174 -6.47 -1.82 13.28
CA THR D 174 -7.48 -1.20 14.13
C THR D 174 -7.19 -1.51 15.60
N LEU D 175 -6.89 -2.77 15.92
CA LEU D 175 -6.54 -3.10 17.29
C LEU D 175 -5.27 -2.41 17.73
N ALA D 176 -4.27 -2.28 16.86
CA ALA D 176 -3.08 -1.59 17.28
C ALA D 176 -3.39 -0.17 17.72
N GLY D 177 -4.32 0.49 17.04
CA GLY D 177 -4.69 1.83 17.47
C GLY D 177 -5.52 1.83 18.75
N GLU D 178 -6.41 0.85 18.88
CA GLU D 178 -7.26 0.81 20.07
C GLU D 178 -6.43 0.58 21.33
N TRP D 179 -5.45 -0.31 21.24
CA TRP D 179 -4.77 -0.82 22.42
C TRP D 179 -3.34 -0.30 22.57
N GLY D 180 -2.85 0.44 21.59
CA GLY D 180 -1.57 1.11 21.72
C GLY D 180 -1.45 1.96 22.97
N PRO D 181 -2.43 2.83 23.23
CA PRO D 181 -2.39 3.64 24.47
C PRO D 181 -2.50 2.81 25.74
N LYS D 182 -2.84 1.53 25.63
CA LYS D 182 -2.88 0.67 26.79
C LYS D 182 -1.69 -0.26 26.87
N GLY D 183 -0.72 -0.09 25.98
CA GLY D 183 0.55 -0.80 26.09
C GLY D 183 0.61 -2.14 25.39
N VAL D 184 -0.36 -2.43 24.54
CA VAL D 184 -0.40 -3.70 23.82
C VAL D 184 -0.05 -3.47 22.35
N ARG D 185 0.93 -4.21 21.87
CA ARG D 185 1.34 -4.15 20.48
C ARG D 185 0.61 -5.24 19.72
N VAL D 186 0.16 -4.91 18.52
CA VAL D 186 -0.55 -5.86 17.66
C VAL D 186 0.09 -5.74 16.28
N ASN D 187 0.60 -6.86 15.75
CA ASN D 187 1.23 -6.91 14.43
C ASN D 187 0.75 -8.16 13.72
N CYS D 188 1.17 -8.32 12.46
CA CYS D 188 0.82 -9.52 11.74
CA CYS D 188 0.75 -9.41 11.61
C CYS D 188 1.94 -9.91 10.78
N VAL D 189 1.98 -11.22 10.52
CA VAL D 189 2.92 -11.82 9.58
C VAL D 189 2.09 -12.33 8.40
N SER D 190 2.54 -12.05 7.19
CA SER D 190 1.85 -12.55 5.99
C SER D 190 2.74 -13.58 5.33
N PRO D 191 2.52 -14.87 5.59
CA PRO D 191 3.35 -15.88 4.91
C PRO D 191 3.09 -15.89 3.42
N GLY D 192 4.14 -16.21 2.68
CA GLY D 192 3.99 -16.74 1.34
C GLY D 192 3.61 -18.19 1.42
N PHE D 193 3.92 -18.92 0.35
CA PHE D 193 3.68 -20.36 0.35
C PHE D 193 4.66 -21.04 1.29
N THR D 194 4.11 -21.71 2.29
CA THR D 194 4.88 -22.20 3.44
C THR D 194 4.66 -23.69 3.55
N GLN D 195 5.76 -24.43 3.73
CA GLN D 195 5.74 -25.89 3.80
C GLN D 195 5.06 -26.33 5.09
N THR D 196 3.83 -26.80 4.96
CA THR D 196 3.05 -27.30 6.08
C THR D 196 2.22 -28.46 5.54
N PRO D 197 1.58 -29.25 6.41
CA PRO D 197 0.67 -30.28 5.89
C PRO D 197 -0.45 -29.72 5.02
N ALA D 198 -0.87 -28.47 5.26
CA ALA D 198 -1.88 -27.85 4.39
C ALA D 198 -1.36 -27.65 2.98
N LEU D 199 -0.12 -27.16 2.85
CA LEU D 199 0.48 -27.02 1.52
C LEU D 199 0.71 -28.38 0.88
N GLU D 200 1.05 -29.39 1.68
CA GLU D 200 1.23 -30.73 1.11
C GLU D 200 -0.08 -31.27 0.56
N ARG D 201 -1.20 -30.98 1.22
CA ARG D 201 -2.49 -31.41 0.71
C ARG D 201 -2.82 -30.71 -0.62
N GLY D 202 -2.37 -29.47 -0.79
CA GLY D 202 -2.55 -28.80 -2.07
C GLY D 202 -1.77 -29.46 -3.19
N PHE D 203 -0.58 -30.00 -2.89
CA PHE D 203 0.17 -30.76 -3.88
C PHE D 203 -0.55 -32.06 -4.21
N THR D 204 -1.15 -32.70 -3.20
CA THR D 204 -1.77 -34.00 -3.40
C THR D 204 -3.05 -33.88 -4.24
N THR D 205 -3.85 -32.85 -4.00
CA THR D 205 -5.01 -32.56 -4.81
C THR D 205 -4.67 -31.97 -6.18
N HIS D 206 -3.38 -31.78 -6.47
CA HIS D 206 -2.89 -31.09 -7.66
C HIS D 206 -3.30 -29.63 -7.73
N THR D 207 -3.79 -29.07 -6.61
CA THR D 207 -4.19 -27.66 -6.60
C THR D 207 -2.99 -26.76 -6.81
N LEU D 208 -1.83 -27.14 -6.31
CA LEU D 208 -0.60 -26.38 -6.47
C LEU D 208 0.51 -27.33 -6.91
N LYS D 209 1.58 -26.73 -7.45
CA LYS D 209 2.76 -27.48 -7.88
C LYS D 209 3.99 -26.82 -7.27
N ALA D 210 4.84 -27.64 -6.64
CA ALA D 210 5.95 -27.11 -5.84
C ALA D 210 6.90 -26.29 -6.69
N ASP D 211 7.26 -26.76 -7.89
CA ASP D 211 8.16 -26.00 -8.74
CA ASP D 211 8.16 -25.99 -8.73
C ASP D 211 7.52 -24.68 -9.16
N VAL D 212 6.20 -24.67 -9.37
CA VAL D 212 5.51 -23.43 -9.74
C VAL D 212 5.60 -22.41 -8.61
N LEU D 213 5.47 -22.86 -7.35
CA LEU D 213 5.58 -21.95 -6.22
C LEU D 213 6.99 -21.41 -6.07
N ARG D 214 8.01 -22.27 -6.26
CA ARG D 214 9.39 -21.79 -6.19
C ARG D 214 9.65 -20.74 -7.27
N ASP D 215 9.21 -21.03 -8.50
CA ASP D 215 9.44 -20.10 -9.59
C ASP D 215 8.74 -18.76 -9.37
N ALA D 216 7.67 -18.74 -8.57
CA ALA D 216 6.93 -17.52 -8.31
C ALA D 216 7.54 -16.65 -7.23
N ALA D 217 8.67 -17.06 -6.66
CA ALA D 217 9.32 -16.33 -5.57
C ALA D 217 10.69 -15.87 -6.03
N ALA D 218 11.02 -14.62 -5.69
CA ALA D 218 12.31 -14.07 -6.08
C ALA D 218 13.48 -14.91 -5.56
N LEU D 219 13.36 -15.49 -4.35
CA LEU D 219 14.45 -16.32 -3.83
C LEU D 219 14.42 -17.76 -4.34
N GLY D 220 13.36 -18.16 -5.05
CA GLY D 220 13.31 -19.52 -5.55
C GLY D 220 13.08 -20.58 -4.50
N HIS D 221 12.46 -20.23 -3.37
CA HIS D 221 12.20 -21.15 -2.27
C HIS D 221 10.73 -21.13 -1.89
N ILE D 222 10.30 -22.26 -1.31
CA ILE D 222 9.08 -22.31 -0.51
C ILE D 222 9.48 -22.03 0.93
N VAL D 223 8.70 -21.18 1.61
CA VAL D 223 9.04 -20.77 2.97
C VAL D 223 8.78 -21.92 3.94
N SER D 224 9.66 -22.07 4.93
CA SER D 224 9.46 -23.09 5.94
C SER D 224 8.64 -22.54 7.10
N ALA D 225 7.91 -23.44 7.78
CA ALA D 225 7.15 -23.02 8.94
C ALA D 225 8.04 -22.36 9.99
N ASN D 226 9.27 -22.87 10.14
CA ASN D 226 10.22 -22.27 11.07
C ASN D 226 10.59 -20.84 10.70
N GLU D 227 10.72 -20.55 9.39
CA GLU D 227 11.03 -19.17 8.97
C GLU D 227 9.88 -18.22 9.34
N ILE D 228 8.65 -18.69 9.19
CA ILE D 228 7.53 -17.86 9.62
C ILE D 228 7.62 -17.64 11.12
N ALA D 229 7.90 -18.71 11.88
CA ALA D 229 7.93 -18.58 13.34
C ALA D 229 9.00 -17.59 13.79
N GLU D 230 10.13 -17.51 13.09
CA GLU D 230 11.16 -16.55 13.46
C GLU D 230 10.61 -15.12 13.40
N ALA D 231 9.82 -14.81 12.37
CA ALA D 231 9.26 -13.47 12.26
C ALA D 231 8.18 -13.23 13.31
N VAL D 232 7.34 -14.22 13.57
CA VAL D 232 6.32 -14.09 14.62
C VAL D 232 6.98 -13.82 15.97
N VAL D 233 8.00 -14.61 16.30
CA VAL D 233 8.65 -14.47 17.61
C VAL D 233 9.38 -13.15 17.72
N PHE D 234 10.03 -12.69 16.63
CA PHE D 234 10.61 -11.35 16.61
C PHE D 234 9.58 -10.30 16.99
N LEU D 235 8.42 -10.29 16.31
CA LEU D 235 7.40 -9.27 16.57
C LEU D 235 6.77 -9.42 17.95
N ALA D 236 6.68 -10.66 18.45
CA ALA D 236 6.14 -10.89 19.79
C ALA D 236 7.07 -10.45 20.89
N SER D 237 8.36 -10.33 20.61
CA SER D 237 9.41 -10.12 21.59
C SER D 237 9.73 -8.63 21.78
N GLU D 238 10.53 -8.38 22.82
CA GLU D 238 11.03 -7.03 23.09
C GLU D 238 12.02 -6.53 22.04
N ARG D 239 12.52 -7.38 21.13
CA ARG D 239 13.30 -6.86 20.02
C ARG D 239 12.42 -5.99 19.13
N ALA D 240 11.11 -6.09 19.28
CA ALA D 240 10.15 -5.33 18.48
C ALA D 240 9.33 -4.36 19.34
N SER D 241 9.93 -3.88 20.43
CA SER D 241 9.23 -3.04 21.40
C SER D 241 8.63 -1.77 20.82
N ALA D 242 9.15 -1.27 19.70
CA ALA D 242 8.60 -0.06 19.07
C ALA D 242 7.76 -0.37 17.83
N ILE D 243 7.48 -1.65 17.56
CA ILE D 243 6.77 -2.05 16.35
C ILE D 243 5.33 -2.39 16.70
N THR D 244 4.39 -1.66 16.10
CA THR D 244 2.99 -2.00 16.25
C THR D 244 2.22 -1.60 14.98
N GLY D 245 1.15 -2.33 14.68
CA GLY D 245 0.32 -2.02 13.52
C GLY D 245 0.94 -2.39 12.19
N VAL D 246 1.93 -3.27 12.18
CA VAL D 246 2.62 -3.60 10.93
C VAL D 246 2.23 -4.97 10.43
N ASN D 247 2.38 -5.13 9.11
CA ASN D 247 2.24 -6.41 8.42
C ASN D 247 3.60 -6.75 7.82
N LEU D 248 4.20 -7.86 8.29
CA LEU D 248 5.53 -8.29 7.82
C LEU D 248 5.41 -9.49 6.90
N PRO D 249 5.64 -9.33 5.59
CA PRO D 249 5.55 -10.49 4.68
C PRO D 249 6.79 -11.36 4.82
N VAL D 250 6.57 -12.66 4.90
CA VAL D 250 7.66 -13.63 4.97
C VAL D 250 7.37 -14.61 3.84
N ASP D 251 7.89 -14.33 2.67
CA ASP D 251 7.33 -14.93 1.47
C ASP D 251 8.37 -15.30 0.43
N ALA D 252 9.66 -15.27 0.76
CA ALA D 252 10.72 -15.60 -0.18
C ALA D 252 10.70 -14.72 -1.43
N GLY D 253 10.05 -13.56 -1.34
CA GLY D 253 9.98 -12.69 -2.52
C GLY D 253 8.87 -13.00 -3.51
N TYR D 254 7.83 -13.74 -3.11
CA TYR D 254 6.64 -13.88 -3.95
C TYR D 254 6.10 -12.52 -4.38
N LEU D 255 5.92 -11.58 -3.44
CA LEU D 255 5.33 -10.28 -3.77
C LEU D 255 6.18 -9.50 -4.76
N ILE D 256 7.49 -9.80 -4.79
CA ILE D 256 8.45 -9.10 -5.65
C ILE D 256 8.43 -9.65 -7.07
N ALA D 257 8.23 -10.96 -7.22
CA ALA D 257 8.55 -11.62 -8.49
C ALA D 257 7.51 -11.43 -9.58
N GLY D 258 6.23 -11.29 -9.22
CA GLY D 258 5.18 -11.32 -10.22
C GLY D 258 5.27 -10.23 -11.26
N SER D 259 5.77 -9.06 -10.86
CA SER D 259 5.83 -7.91 -11.77
C SER D 259 6.97 -8.01 -12.78
N TRP D 260 7.83 -9.02 -12.68
CA TRP D 260 8.94 -9.17 -13.64
C TRP D 260 8.54 -9.81 -14.95
N ALA D 261 7.39 -10.48 -15.02
CA ALA D 261 7.04 -11.22 -16.23
C ALA D 261 6.99 -10.31 -17.45
N ALA D 262 6.50 -9.08 -17.27
CA ALA D 262 6.40 -8.14 -18.39
C ALA D 262 7.78 -7.82 -18.98
N TYR D 263 8.85 -8.00 -18.20
CA TYR D 263 10.21 -7.76 -18.63
C TYR D 263 10.95 -9.05 -18.93
N GLY D 264 10.23 -10.13 -19.17
CA GLY D 264 10.86 -11.41 -19.44
C GLY D 264 11.08 -12.29 -18.24
N GLY D 265 10.60 -11.90 -17.06
CA GLY D 265 10.70 -12.73 -15.87
C GLY D 265 11.97 -12.48 -15.07
N LEU D 266 12.05 -13.21 -13.95
CA LEU D 266 13.24 -13.14 -13.11
C LEU D 266 14.46 -13.57 -13.91
N ARG D 267 15.60 -12.97 -13.58
CA ARG D 267 16.85 -13.27 -14.28
C ARG D 267 17.57 -14.38 -13.52
N ARG D 268 17.29 -15.62 -13.90
CA ARG D 268 17.68 -16.73 -13.02
C ARG D 268 19.05 -17.30 -13.40
N GLU D 269 19.58 -18.11 -12.50
CA GLU D 269 20.86 -18.78 -12.69
C GLU D 269 20.78 -19.77 -13.85
#